data_3HK8
#
_entry.id   3HK8
#
_cell.length_a   149.305
_cell.length_b   149.305
_cell.length_c   254.018
_cell.angle_alpha   90.00
_cell.angle_beta   90.00
_cell.angle_gamma   120.00
#
_symmetry.space_group_name_H-M   'H 3 2'
#
loop_
_entity.id
_entity.type
_entity.pdbx_description
1 polymer 'Uronate isomerase'
2 non-polymer 'D-arabinohydroxamic acid'
3 non-polymer 'CARBONATE ION'
4 non-polymer 'ZINC ION'
5 non-polymer 'CHLORIDE ION'
6 water water
#
_entity_poly.entity_id   1
_entity_poly.type   'polypeptide(L)'
_entity_poly.pdbx_seq_one_letter_code
;MSINSREVLAEKVKNAVNNQPVTDMHTHLFSPNFGEILLWDIDELLTYHYLVAEVMRWTDVSIEAFWAMSKREQADLIWE
ELFIKRSPVSEACRGVLTCLQGLGLDPATRDLQVYREYFAKKTSEEQVDTVLQLANVSDVVMTNDPFDDNERISWLEGKQ
PDSRFHAALRLDPLLNEYEQTKHRLRDWGYKVNDEWNEGSIQEVKRFLTDWIERMDPVYMAVSLPPTFSFPEESNRGRII
RDCLLPVAEKHNIPFAMMIGVKKRVHPALGDAGDFVGKASMDGVEHLLREYPNNKFLVTMLSRENQHELVVLARKFSNLM
IFGCWWFMNNPEIINEMTRMRMEMLGTSFIPQHSDARVLEQLIYKWHHSKSIIAEVLIDKYDDILQAGWEVTEEEIKRDV
ADLFSRNFWRFVGRNDHVTSVKVEQQT
;
_entity_poly.pdbx_strand_id   A,B
#
# COMPACT_ATOMS: atom_id res chain seq x y z
N SER A 5 24.18 -50.72 -26.81
CA SER A 5 23.50 -49.77 -27.73
C SER A 5 22.98 -48.54 -26.99
N ARG A 6 22.98 -48.59 -25.65
CA ARG A 6 22.54 -47.45 -24.88
C ARG A 6 23.68 -46.43 -24.92
N GLU A 7 24.91 -46.94 -24.94
CA GLU A 7 26.07 -46.06 -24.99
C GLU A 7 26.20 -45.41 -26.36
N VAL A 8 25.77 -46.11 -27.40
CA VAL A 8 25.80 -45.56 -28.75
C VAL A 8 24.82 -44.39 -28.74
N LEU A 9 23.66 -44.61 -28.13
CA LEU A 9 22.63 -43.58 -28.04
C LEU A 9 23.12 -42.43 -27.17
N ALA A 10 23.78 -42.75 -26.06
CA ALA A 10 24.30 -41.75 -25.14
C ALA A 10 25.26 -40.79 -25.81
N GLU A 11 26.16 -41.33 -26.64
CA GLU A 11 27.13 -40.49 -27.33
C GLU A 11 26.46 -39.55 -28.34
N LYS A 12 25.43 -40.03 -29.01
CA LYS A 12 24.73 -39.20 -29.99
C LYS A 12 23.90 -38.13 -29.29
N VAL A 13 23.25 -38.48 -28.19
CA VAL A 13 22.44 -37.51 -27.46
C VAL A 13 23.34 -36.42 -26.89
N LYS A 14 24.43 -36.83 -26.26
CA LYS A 14 25.38 -35.89 -25.67
C LYS A 14 25.96 -34.97 -26.74
N ASN A 15 26.35 -35.54 -27.87
CA ASN A 15 26.90 -34.75 -28.95
C ASN A 15 25.87 -33.73 -29.43
N ALA A 16 24.65 -34.20 -29.68
CA ALA A 16 23.59 -33.31 -30.14
C ALA A 16 23.33 -32.17 -29.15
N VAL A 17 23.25 -32.52 -27.87
CA VAL A 17 23.01 -31.54 -26.83
C VAL A 17 24.13 -30.51 -26.72
N ASN A 18 25.38 -30.97 -26.74
CA ASN A 18 26.52 -30.08 -26.63
C ASN A 18 26.70 -29.17 -27.84
N ASN A 19 26.38 -29.66 -29.03
CA ASN A 19 26.53 -28.88 -30.24
C ASN A 19 25.35 -27.97 -30.58
N GLN A 20 24.22 -28.18 -29.93
CA GLN A 20 23.04 -27.36 -30.21
C GLN A 20 23.19 -25.92 -29.68
N PRO A 21 23.12 -24.93 -30.59
CA PRO A 21 23.25 -23.53 -30.17
C PRO A 21 22.05 -23.20 -29.27
N VAL A 22 22.32 -22.58 -28.14
CA VAL A 22 21.27 -22.27 -27.20
C VAL A 22 20.69 -20.87 -27.26
N THR A 23 19.37 -20.79 -27.11
CA THR A 23 18.69 -19.51 -27.03
C THR A 23 18.33 -19.45 -25.54
N ASP A 24 18.98 -18.54 -24.82
CA ASP A 24 18.74 -18.37 -23.38
C ASP A 24 17.59 -17.36 -23.29
N MET A 25 16.37 -17.85 -23.06
CA MET A 25 15.23 -16.95 -23.06
C MET A 25 14.93 -16.08 -21.84
N HIS A 26 15.81 -16.09 -20.86
CA HIS A 26 15.68 -15.22 -19.70
C HIS A 26 16.99 -15.08 -18.94
N THR A 27 17.56 -13.89 -19.00
CA THR A 27 18.81 -13.58 -18.31
C THR A 27 18.74 -12.14 -17.81
N HIS A 28 19.78 -11.73 -17.11
CA HIS A 28 19.91 -10.38 -16.59
C HIS A 28 21.22 -9.84 -17.14
N LEU A 29 21.51 -10.22 -18.38
CA LEU A 29 22.72 -9.77 -19.07
C LEU A 29 22.30 -8.64 -19.99
N PHE A 30 23.28 -7.89 -20.50
CA PHE A 30 22.99 -6.79 -21.39
C PHE A 30 23.98 -6.76 -22.55
N SER A 31 23.53 -6.23 -23.69
CA SER A 31 24.39 -6.10 -24.85
C SER A 31 25.61 -5.32 -24.35
N PRO A 32 26.82 -5.75 -24.72
CA PRO A 32 28.04 -5.07 -24.27
C PRO A 32 28.08 -3.57 -24.49
N ASN A 33 27.45 -3.10 -25.57
CA ASN A 33 27.42 -1.67 -25.87
C ASN A 33 26.52 -0.88 -24.93
N PHE A 34 25.76 -1.58 -24.08
CA PHE A 34 24.88 -0.89 -23.14
C PHE A 34 25.67 -0.33 -21.96
N GLY A 35 26.94 -0.71 -21.86
CA GLY A 35 27.77 -0.19 -20.79
C GLY A 35 28.12 -1.10 -19.64
N GLU A 36 28.35 -0.48 -18.49
CA GLU A 36 28.74 -1.16 -17.27
C GLU A 36 27.67 -2.05 -16.66
N ILE A 37 26.42 -1.90 -17.08
CA ILE A 37 25.37 -2.75 -16.53
C ILE A 37 25.71 -4.22 -16.82
N LEU A 38 26.50 -4.46 -17.86
CA LEU A 38 26.92 -5.82 -18.18
C LEU A 38 28.01 -6.22 -17.19
N LEU A 39 27.66 -7.08 -16.24
CA LEU A 39 28.63 -7.51 -15.25
C LEU A 39 29.40 -8.73 -15.73
N TRP A 40 30.69 -8.77 -15.42
CA TRP A 40 31.55 -9.89 -15.79
C TRP A 40 32.86 -9.89 -15.03
N ASP A 41 33.51 -11.05 -15.04
CA ASP A 41 34.79 -11.39 -14.42
C ASP A 41 34.62 -12.15 -13.10
N ILE A 42 35.71 -12.74 -12.63
CA ILE A 42 35.68 -13.55 -11.42
C ILE A 42 35.21 -12.82 -10.16
N ASP A 43 35.48 -11.53 -10.05
CA ASP A 43 35.02 -10.80 -8.86
C ASP A 43 33.50 -10.71 -8.86
N GLU A 44 32.91 -10.53 -10.04
CA GLU A 44 31.45 -10.46 -10.14
C GLU A 44 30.85 -11.83 -9.86
N LEU A 45 31.47 -12.87 -10.43
CA LEU A 45 31.00 -14.24 -10.23
C LEU A 45 30.94 -14.58 -8.74
N LEU A 46 32.00 -14.21 -8.02
CA LEU A 46 32.08 -14.51 -6.59
C LEU A 46 31.14 -13.67 -5.74
N THR A 47 30.77 -12.48 -6.22
CA THR A 47 29.87 -11.63 -5.46
C THR A 47 28.41 -11.75 -5.90
N TYR A 48 28.13 -12.79 -6.68
CA TYR A 48 26.78 -13.12 -7.15
C TYR A 48 25.95 -13.20 -5.86
N HIS A 49 24.72 -12.68 -5.84
CA HIS A 49 23.97 -12.71 -4.59
C HIS A 49 23.71 -14.10 -4.02
N TYR A 50 23.73 -15.13 -4.85
CA TYR A 50 23.53 -16.49 -4.35
C TYR A 50 24.66 -16.82 -3.38
N LEU A 51 25.85 -16.31 -3.64
CA LEU A 51 27.00 -16.57 -2.78
C LEU A 51 27.06 -15.65 -1.57
N VAL A 52 26.45 -14.48 -1.67
CA VAL A 52 26.43 -13.55 -0.54
C VAL A 52 25.62 -14.24 0.56
N ALA A 53 24.47 -14.79 0.19
CA ALA A 53 23.61 -15.46 1.15
C ALA A 53 24.36 -16.62 1.81
N GLU A 54 25.09 -17.39 1.01
CA GLU A 54 25.82 -18.55 1.53
C GLU A 54 26.97 -18.16 2.45
N VAL A 55 27.71 -17.12 2.10
CA VAL A 55 28.83 -16.72 2.95
C VAL A 55 28.33 -16.18 4.29
N MET A 56 27.17 -15.54 4.30
CA MET A 56 26.62 -14.99 5.54
C MET A 56 26.25 -16.09 6.56
N ARG A 57 26.15 -17.33 6.10
CA ARG A 57 25.83 -18.43 7.01
C ARG A 57 27.09 -18.91 7.73
N TRP A 58 28.26 -18.46 7.26
CA TRP A 58 29.53 -18.85 7.83
C TRP A 58 30.38 -17.73 8.47
N THR A 59 30.54 -16.64 7.74
CA THR A 59 31.39 -15.52 8.19
C THR A 59 30.92 -14.77 9.43
N ASP A 60 31.88 -14.26 10.19
CA ASP A 60 31.58 -13.48 11.39
C ASP A 60 31.48 -12.01 11.00
N VAL A 61 31.78 -11.72 9.74
CA VAL A 61 31.70 -10.36 9.22
C VAL A 61 30.22 -9.96 9.12
N SER A 62 29.87 -8.81 9.67
CA SER A 62 28.49 -8.35 9.64
C SER A 62 28.08 -8.01 8.21
N ILE A 63 26.78 -8.05 7.94
CA ILE A 63 26.28 -7.76 6.61
C ILE A 63 26.62 -6.31 6.23
N GLU A 64 26.59 -5.41 7.22
CA GLU A 64 26.91 -3.99 6.97
C GLU A 64 28.37 -3.86 6.54
N ALA A 65 29.26 -4.51 7.27
CA ALA A 65 30.68 -4.48 6.97
C ALA A 65 30.92 -5.07 5.58
N PHE A 66 30.15 -6.09 5.23
CA PHE A 66 30.30 -6.72 3.92
C PHE A 66 29.98 -5.73 2.80
N TRP A 67 28.85 -5.04 2.92
CA TRP A 67 28.45 -4.08 1.91
C TRP A 67 29.42 -2.89 1.84
N ALA A 68 30.18 -2.69 2.91
CA ALA A 68 31.13 -1.57 2.95
C ALA A 68 32.45 -1.95 2.28
N MET A 69 32.75 -3.24 2.19
CA MET A 69 33.98 -3.69 1.56
C MET A 69 33.95 -3.38 0.06
N SER A 70 35.13 -3.38 -0.56
CA SER A 70 35.21 -3.16 -2.01
C SER A 70 34.83 -4.50 -2.62
N LYS A 71 34.56 -4.52 -3.91
CA LYS A 71 34.19 -5.78 -4.56
C LYS A 71 35.34 -6.78 -4.48
N ARG A 72 36.57 -6.27 -4.47
CA ARG A 72 37.73 -7.13 -4.39
C ARG A 72 37.78 -7.84 -3.04
N GLU A 73 37.50 -7.10 -1.98
CA GLU A 73 37.52 -7.63 -0.63
C GLU A 73 36.36 -8.61 -0.40
N GLN A 74 35.18 -8.29 -0.94
CA GLN A 74 34.04 -9.18 -0.79
C GLN A 74 34.36 -10.50 -1.46
N ALA A 75 34.92 -10.43 -2.66
CA ALA A 75 35.30 -11.61 -3.42
C ALA A 75 36.34 -12.43 -2.69
N ASP A 76 37.32 -11.78 -2.05
CA ASP A 76 38.34 -12.50 -1.30
C ASP A 76 37.72 -13.19 -0.08
N LEU A 77 36.78 -12.52 0.57
CA LEU A 77 36.11 -13.08 1.74
C LEU A 77 35.32 -14.33 1.36
N ILE A 78 34.52 -14.21 0.30
CA ILE A 78 33.69 -15.32 -0.17
C ILE A 78 34.54 -16.51 -0.62
N TRP A 79 35.67 -16.21 -1.26
CA TRP A 79 36.57 -17.26 -1.72
C TRP A 79 37.14 -18.02 -0.53
N GLU A 80 37.58 -17.27 0.49
CA GLU A 80 38.15 -17.85 1.71
C GLU A 80 37.11 -18.65 2.50
N GLU A 81 35.96 -18.05 2.76
CA GLU A 81 34.89 -18.70 3.53
C GLU A 81 34.24 -19.91 2.85
N LEU A 82 33.93 -19.80 1.57
CA LEU A 82 33.24 -20.88 0.87
C LEU A 82 34.08 -21.86 0.06
N PHE A 83 35.31 -21.49 -0.30
CA PHE A 83 36.12 -22.40 -1.10
C PHE A 83 37.31 -22.97 -0.36
N ILE A 84 37.88 -22.18 0.54
CA ILE A 84 39.06 -22.60 1.30
C ILE A 84 38.75 -23.20 2.67
N LYS A 85 37.92 -22.53 3.45
CA LYS A 85 37.58 -23.02 4.80
C LYS A 85 36.64 -24.22 4.78
N ARG A 86 35.86 -24.36 3.71
CA ARG A 86 34.94 -25.48 3.54
C ARG A 86 35.00 -25.80 2.05
N SER A 87 34.74 -27.06 1.69
CA SER A 87 34.78 -27.43 0.28
C SER A 87 33.62 -26.74 -0.45
N PRO A 88 33.89 -26.25 -1.67
CA PRO A 88 32.89 -25.57 -2.48
C PRO A 88 31.91 -26.52 -3.15
N VAL A 89 31.17 -27.29 -2.35
CA VAL A 89 30.23 -28.25 -2.90
C VAL A 89 28.83 -27.76 -3.29
N SER A 90 28.44 -26.56 -2.86
CA SER A 90 27.11 -26.06 -3.23
C SER A 90 27.04 -25.83 -4.74
N GLU A 91 25.81 -25.81 -5.27
CA GLU A 91 25.63 -25.59 -6.71
C GLU A 91 26.22 -24.29 -7.22
N ALA A 92 26.03 -23.20 -6.47
CA ALA A 92 26.57 -21.91 -6.90
C ALA A 92 28.11 -21.89 -6.87
N CYS A 93 28.70 -22.48 -5.84
CA CYS A 93 30.16 -22.53 -5.74
C CYS A 93 30.74 -23.42 -6.83
N ARG A 94 30.08 -24.55 -7.06
CA ARG A 94 30.47 -25.48 -8.10
C ARG A 94 30.47 -24.72 -9.42
N GLY A 95 29.45 -23.89 -9.60
CA GLY A 95 29.33 -23.10 -10.82
C GLY A 95 30.53 -22.21 -11.10
N VAL A 96 31.05 -21.56 -10.07
CA VAL A 96 32.21 -20.70 -10.23
C VAL A 96 33.40 -21.51 -10.78
N LEU A 97 33.63 -22.69 -10.21
CA LEU A 97 34.74 -23.53 -10.67
C LEU A 97 34.54 -23.94 -12.13
N THR A 98 33.32 -24.32 -12.49
CA THR A 98 33.02 -24.72 -13.86
C THR A 98 33.35 -23.58 -14.83
N CYS A 99 33.03 -22.34 -14.44
CA CYS A 99 33.34 -21.18 -15.28
C CYS A 99 34.85 -21.01 -15.44
N LEU A 100 35.57 -21.15 -14.34
CA LEU A 100 37.03 -21.03 -14.38
C LEU A 100 37.63 -22.05 -15.35
N GLN A 101 37.30 -23.31 -15.16
CA GLN A 101 37.83 -24.37 -15.99
C GLN A 101 37.45 -24.17 -17.47
N GLY A 102 36.21 -23.76 -17.72
CA GLY A 102 35.76 -23.55 -19.07
C GLY A 102 36.53 -22.45 -19.78
N LEU A 103 37.01 -21.47 -19.02
CA LEU A 103 37.78 -20.37 -19.58
C LEU A 103 39.24 -20.75 -19.77
N GLY A 104 39.60 -21.95 -19.33
CA GLY A 104 40.98 -22.40 -19.47
C GLY A 104 41.80 -22.17 -18.22
N LEU A 105 41.19 -21.62 -17.18
CA LEU A 105 41.89 -21.37 -15.93
C LEU A 105 41.92 -22.68 -15.14
N ASP A 106 42.80 -22.77 -14.15
CA ASP A 106 42.95 -24.00 -13.38
C ASP A 106 42.53 -23.94 -11.92
N PRO A 107 41.34 -24.48 -11.60
CA PRO A 107 40.81 -24.49 -10.23
C PRO A 107 41.73 -25.25 -9.27
N ALA A 108 42.59 -26.10 -9.81
CA ALA A 108 43.50 -26.88 -8.97
C ALA A 108 44.48 -26.00 -8.18
N THR A 109 44.88 -24.88 -8.75
CA THR A 109 45.83 -24.00 -8.08
C THR A 109 45.18 -23.11 -7.02
N ARG A 110 43.87 -22.90 -7.13
CA ARG A 110 43.15 -22.06 -6.19
C ARG A 110 43.78 -20.67 -6.14
N ASP A 111 44.42 -20.27 -7.23
CA ASP A 111 45.10 -18.98 -7.29
C ASP A 111 44.18 -17.86 -7.81
N LEU A 112 43.45 -17.23 -6.91
CA LEU A 112 42.52 -16.16 -7.28
C LEU A 112 43.21 -14.98 -7.97
N GLN A 113 44.43 -14.66 -7.56
CA GLN A 113 45.16 -13.55 -8.17
C GLN A 113 45.46 -13.86 -9.63
N VAL A 114 45.84 -15.10 -9.92
CA VAL A 114 46.12 -15.50 -11.29
C VAL A 114 44.86 -15.46 -12.14
N TYR A 115 43.74 -15.92 -11.59
CA TYR A 115 42.49 -15.93 -12.36
C TYR A 115 42.08 -14.50 -12.74
N ARG A 116 42.24 -13.57 -11.80
CA ARG A 116 41.91 -12.17 -12.02
C ARG A 116 42.70 -11.58 -13.20
N GLU A 117 43.92 -12.04 -13.40
CA GLU A 117 44.77 -11.56 -14.49
C GLU A 117 44.11 -11.79 -15.84
N TYR A 118 43.50 -12.97 -16.00
CA TYR A 118 42.83 -13.33 -17.24
C TYR A 118 41.78 -12.30 -17.68
N PHE A 119 41.00 -11.82 -16.72
CA PHE A 119 39.93 -10.87 -17.03
C PHE A 119 40.36 -9.43 -17.25
N ALA A 120 41.39 -8.98 -16.52
CA ALA A 120 41.86 -7.61 -16.63
C ALA A 120 42.46 -7.24 -17.98
N LYS A 121 42.85 -8.23 -18.77
CA LYS A 121 43.45 -7.95 -20.07
C LYS A 121 42.50 -8.07 -21.27
N LYS A 122 41.19 -8.11 -21.01
CA LYS A 122 40.21 -8.23 -22.08
C LYS A 122 39.15 -7.14 -22.00
N THR A 123 38.44 -6.93 -23.10
CA THR A 123 37.36 -5.94 -23.14
C THR A 123 36.05 -6.71 -22.97
N SER A 124 34.98 -6.00 -22.64
CA SER A 124 33.69 -6.67 -22.45
C SER A 124 33.26 -7.35 -23.76
N GLU A 125 33.43 -6.66 -24.89
CA GLU A 125 33.08 -7.21 -26.19
C GLU A 125 33.82 -8.52 -26.46
N GLU A 126 35.09 -8.58 -26.07
CA GLU A 126 35.90 -9.78 -26.27
C GLU A 126 35.42 -10.92 -25.39
N GLN A 127 35.12 -10.62 -24.14
CA GLN A 127 34.67 -11.64 -23.20
C GLN A 127 33.29 -12.17 -23.63
N VAL A 128 32.47 -11.31 -24.21
CA VAL A 128 31.15 -11.74 -24.67
C VAL A 128 31.33 -12.76 -25.80
N ASP A 129 32.24 -12.47 -26.72
CA ASP A 129 32.51 -13.40 -27.81
C ASP A 129 33.02 -14.72 -27.25
N THR A 130 33.93 -14.63 -26.31
CA THR A 130 34.52 -15.81 -25.68
C THR A 130 33.47 -16.68 -25.00
N VAL A 131 32.71 -16.08 -24.08
CA VAL A 131 31.71 -16.80 -23.33
C VAL A 131 30.60 -17.42 -24.18
N LEU A 132 30.01 -16.66 -25.09
CA LEU A 132 28.94 -17.21 -25.92
C LEU A 132 29.45 -18.38 -26.75
N GLN A 133 30.71 -18.33 -27.16
CA GLN A 133 31.30 -19.41 -27.95
C GLN A 133 31.45 -20.64 -27.06
N LEU A 134 32.02 -20.44 -25.87
CA LEU A 134 32.21 -21.53 -24.93
C LEU A 134 30.89 -22.15 -24.49
N ALA A 135 29.91 -21.31 -24.16
CA ALA A 135 28.61 -21.79 -23.70
C ALA A 135 27.70 -22.20 -24.85
N ASN A 136 28.16 -21.95 -26.07
CA ASN A 136 27.39 -22.28 -27.27
C ASN A 136 25.99 -21.67 -27.19
N VAL A 137 25.94 -20.39 -26.82
CA VAL A 137 24.69 -19.65 -26.74
C VAL A 137 24.63 -18.70 -27.93
N SER A 138 23.61 -18.87 -28.77
CA SER A 138 23.46 -18.04 -29.95
C SER A 138 22.61 -16.81 -29.70
N ASP A 139 21.65 -16.91 -28.79
CA ASP A 139 20.77 -15.79 -28.49
C ASP A 139 20.51 -15.63 -27.00
N VAL A 140 20.60 -14.39 -26.54
CA VAL A 140 20.38 -14.08 -25.14
C VAL A 140 19.20 -13.13 -25.05
N VAL A 141 18.26 -13.43 -24.15
CA VAL A 141 17.12 -12.55 -23.94
C VAL A 141 17.41 -11.79 -22.66
N MET A 142 17.42 -10.46 -22.77
CA MET A 142 17.70 -9.57 -21.64
C MET A 142 16.42 -9.33 -20.84
N THR A 143 16.58 -8.67 -19.71
CA THR A 143 15.47 -8.27 -18.85
C THR A 143 15.63 -6.74 -18.88
N ASN A 144 14.73 -6.06 -19.57
CA ASN A 144 14.84 -4.60 -19.70
C ASN A 144 13.72 -3.87 -18.98
N ASP A 145 14.10 -3.19 -17.90
CA ASP A 145 13.17 -2.45 -17.05
C ASP A 145 13.26 -0.95 -17.31
N PRO A 146 12.25 -0.39 -18.00
CA PRO A 146 12.19 1.04 -18.31
C PRO A 146 12.03 1.93 -17.08
N PHE A 147 11.87 1.34 -15.92
CA PHE A 147 11.70 2.10 -14.68
C PHE A 147 13.03 2.30 -13.98
N ASP A 148 14.07 1.67 -14.50
CA ASP A 148 15.41 1.80 -13.93
C ASP A 148 16.07 2.97 -14.63
N ASP A 149 16.54 3.95 -13.86
CA ASP A 149 17.18 5.12 -14.44
C ASP A 149 18.37 4.77 -15.33
N ASN A 150 19.22 3.87 -14.87
CA ASN A 150 20.40 3.47 -15.64
C ASN A 150 20.02 2.84 -16.98
N GLU A 151 18.97 2.01 -16.98
CA GLU A 151 18.54 1.31 -18.18
C GLU A 151 17.81 2.17 -19.23
N ARG A 152 17.02 3.14 -18.81
CA ARG A 152 16.30 3.98 -19.76
C ARG A 152 17.25 4.66 -20.74
N ILE A 153 18.44 4.98 -20.26
CA ILE A 153 19.46 5.66 -21.06
C ILE A 153 19.67 5.11 -22.47
N SER A 154 20.23 3.90 -22.58
CA SER A 154 20.48 3.32 -23.89
C SER A 154 19.25 3.36 -24.81
N TRP A 155 18.09 2.98 -24.28
CA TRP A 155 16.88 2.98 -25.07
C TRP A 155 16.44 4.38 -25.49
N LEU A 156 16.49 5.33 -24.54
CA LEU A 156 16.11 6.70 -24.84
C LEU A 156 17.17 7.37 -25.70
N GLU A 157 18.41 6.89 -25.57
CA GLU A 157 19.52 7.42 -26.35
C GLU A 157 19.42 6.96 -27.80
N GLY A 158 18.65 5.89 -28.02
CA GLY A 158 18.49 5.37 -29.37
C GLY A 158 19.42 4.21 -29.69
N LYS A 159 20.15 3.74 -28.69
CA LYS A 159 21.06 2.61 -28.89
C LYS A 159 20.30 1.33 -29.18
N GLN A 160 20.89 0.48 -30.01
CA GLN A 160 20.27 -0.79 -30.36
C GLN A 160 21.18 -1.89 -29.85
N PRO A 161 20.59 -2.97 -29.32
CA PRO A 161 21.42 -4.06 -28.82
C PRO A 161 22.06 -4.90 -29.91
N ASP A 162 23.10 -5.62 -29.52
CA ASP A 162 23.84 -6.55 -30.37
C ASP A 162 22.81 -7.51 -30.97
N SER A 163 23.05 -8.00 -32.19
CA SER A 163 22.10 -8.90 -32.85
C SER A 163 21.87 -10.21 -32.08
N ARG A 164 22.80 -10.56 -31.20
CA ARG A 164 22.69 -11.77 -30.41
C ARG A 164 21.84 -11.55 -29.15
N PHE A 165 21.56 -10.29 -28.86
CA PHE A 165 20.76 -9.94 -27.68
C PHE A 165 19.34 -9.49 -28.03
N HIS A 166 18.36 -10.03 -27.31
CA HIS A 166 16.97 -9.67 -27.53
C HIS A 166 16.35 -9.01 -26.31
N ALA A 167 15.42 -8.11 -26.55
CA ALA A 167 14.78 -7.40 -25.47
C ALA A 167 13.52 -8.07 -24.94
N ALA A 168 13.25 -7.84 -23.65
CA ALA A 168 12.06 -8.35 -22.99
C ALA A 168 11.65 -7.20 -22.07
N LEU A 169 10.41 -6.75 -22.21
CA LEU A 169 9.89 -5.64 -21.42
C LEU A 169 9.45 -6.06 -20.00
N ARG A 170 10.29 -5.79 -19.01
CA ARG A 170 9.98 -6.14 -17.62
C ARG A 170 9.06 -5.06 -17.05
N LEU A 171 7.97 -5.48 -16.42
CA LEU A 171 7.00 -4.52 -15.89
C LEU A 171 6.67 -4.53 -14.38
N ASP A 172 7.51 -5.14 -13.57
CA ASP A 172 7.27 -5.20 -12.12
C ASP A 172 6.80 -3.89 -11.46
N PRO A 173 7.51 -2.78 -11.68
CA PRO A 173 7.11 -1.50 -11.07
C PRO A 173 5.70 -1.05 -11.44
N LEU A 174 5.34 -1.26 -12.70
CA LEU A 174 4.02 -0.87 -13.19
C LEU A 174 2.89 -1.69 -12.60
N LEU A 175 3.07 -3.01 -12.63
CA LEU A 175 2.08 -3.94 -12.12
C LEU A 175 2.03 -4.13 -10.61
N ASN A 176 3.18 -4.09 -9.95
CA ASN A 176 3.22 -4.31 -8.50
C ASN A 176 3.41 -3.07 -7.64
N GLU A 177 3.67 -1.92 -8.28
CA GLU A 177 3.86 -0.68 -7.52
C GLU A 177 3.21 0.50 -8.23
N TYR A 178 2.05 0.26 -8.81
CA TYR A 178 1.35 1.31 -9.54
C TYR A 178 1.13 2.58 -8.74
N GLU A 179 0.76 2.47 -7.46
CA GLU A 179 0.52 3.64 -6.65
C GLU A 179 1.69 4.61 -6.66
N GLN A 180 2.91 4.08 -6.71
CA GLN A 180 4.09 4.94 -6.75
C GLN A 180 4.49 5.22 -8.19
N THR A 181 4.44 4.19 -9.02
CA THR A 181 4.81 4.30 -10.42
C THR A 181 3.96 5.27 -11.25
N LYS A 182 2.68 5.38 -10.91
CA LYS A 182 1.78 6.27 -11.64
C LYS A 182 2.32 7.70 -11.71
N HIS A 183 2.92 8.15 -10.61
CA HIS A 183 3.46 9.50 -10.55
C HIS A 183 4.63 9.66 -11.52
N ARG A 184 5.40 8.60 -11.71
CA ARG A 184 6.53 8.66 -12.63
C ARG A 184 6.00 8.69 -14.06
N LEU A 185 4.91 7.96 -14.30
CA LEU A 185 4.29 7.93 -15.62
C LEU A 185 3.85 9.33 -15.99
N ARG A 186 3.23 10.02 -15.03
CA ARG A 186 2.76 11.38 -15.26
C ARG A 186 3.93 12.27 -15.63
N ASP A 187 5.02 12.17 -14.86
CA ASP A 187 6.21 12.97 -15.13
C ASP A 187 6.77 12.68 -16.51
N TRP A 188 6.50 11.49 -17.04
CA TRP A 188 6.98 11.14 -18.37
C TRP A 188 6.01 11.51 -19.46
N GLY A 189 4.86 12.07 -19.09
CA GLY A 189 3.88 12.48 -20.10
C GLY A 189 2.64 11.62 -20.24
N TYR A 190 2.61 10.49 -19.56
CA TYR A 190 1.44 9.61 -19.65
C TYR A 190 0.42 10.06 -18.60
N LYS A 191 -0.64 10.71 -19.09
CA LYS A 191 -1.67 11.27 -18.25
C LYS A 191 -2.65 10.32 -17.57
N VAL A 192 -2.14 9.50 -16.65
CA VAL A 192 -3.01 8.58 -15.93
C VAL A 192 -3.69 9.37 -14.81
N ASN A 193 -4.97 9.12 -14.60
CA ASN A 193 -5.73 9.82 -13.57
C ASN A 193 -5.66 9.13 -12.23
N ASP A 194 -6.26 9.74 -11.21
CA ASP A 194 -6.27 9.14 -9.88
C ASP A 194 -7.20 7.94 -9.89
N GLU A 195 -8.26 8.02 -10.69
CA GLU A 195 -9.23 6.95 -10.78
C GLU A 195 -8.92 6.12 -12.02
N TRP A 196 -9.26 4.83 -11.98
CA TRP A 196 -9.01 3.95 -13.12
C TRP A 196 -10.15 4.10 -14.12
N ASN A 197 -9.98 5.01 -15.07
CA ASN A 197 -11.00 5.25 -16.09
C ASN A 197 -10.41 5.12 -17.49
N GLU A 198 -11.24 5.37 -18.49
CA GLU A 198 -10.83 5.28 -19.89
C GLU A 198 -9.51 5.99 -20.16
N GLY A 199 -9.34 7.16 -19.54
CA GLY A 199 -8.12 7.94 -19.73
C GLY A 199 -6.88 7.23 -19.20
N SER A 200 -6.97 6.73 -17.97
CA SER A 200 -5.86 6.03 -17.36
C SER A 200 -5.53 4.77 -18.18
N ILE A 201 -6.59 4.07 -18.61
CA ILE A 201 -6.43 2.86 -19.39
C ILE A 201 -5.66 3.13 -20.68
N GLN A 202 -6.10 4.13 -21.43
CA GLN A 202 -5.45 4.47 -22.70
C GLN A 202 -4.01 4.93 -22.55
N GLU A 203 -3.71 5.69 -21.49
CA GLU A 203 -2.36 6.16 -21.29
C GLU A 203 -1.40 5.05 -20.88
N VAL A 204 -1.90 4.06 -20.15
CA VAL A 204 -1.04 2.94 -19.75
C VAL A 204 -0.75 2.13 -21.01
N LYS A 205 -1.76 1.98 -21.87
CA LYS A 205 -1.58 1.25 -23.14
C LYS A 205 -0.55 1.97 -24.00
N ARG A 206 -0.65 3.30 -24.03
CA ARG A 206 0.26 4.16 -24.79
C ARG A 206 1.70 3.90 -24.32
N PHE A 207 1.86 3.87 -22.99
CA PHE A 207 3.17 3.63 -22.38
C PHE A 207 3.74 2.28 -22.83
N LEU A 208 2.90 1.25 -22.78
CA LEU A 208 3.32 -0.10 -23.18
C LEU A 208 3.67 -0.13 -24.67
N THR A 209 2.79 0.46 -25.48
CA THR A 209 3.00 0.51 -26.91
C THR A 209 4.27 1.27 -27.29
N ASP A 210 4.52 2.38 -26.62
CA ASP A 210 5.71 3.16 -26.91
C ASP A 210 6.97 2.32 -26.68
N TRP A 211 7.00 1.60 -25.56
CA TRP A 211 8.16 0.78 -25.26
C TRP A 211 8.27 -0.47 -26.11
N ILE A 212 7.13 -0.98 -26.55
CA ILE A 212 7.14 -2.16 -27.42
C ILE A 212 7.78 -1.71 -28.74
N GLU A 213 7.41 -0.52 -29.18
CA GLU A 213 7.93 0.04 -30.42
C GLU A 213 9.42 0.32 -30.31
N ARG A 214 9.84 0.80 -29.15
CA ARG A 214 11.24 1.13 -28.91
C ARG A 214 12.13 -0.10 -28.70
N MET A 215 11.65 -1.08 -27.94
CA MET A 215 12.45 -2.28 -27.66
C MET A 215 12.23 -3.46 -28.62
N ASP A 216 11.03 -3.58 -29.17
CA ASP A 216 10.69 -4.71 -30.03
C ASP A 216 11.00 -5.98 -29.22
N PRO A 217 10.37 -6.11 -28.05
CA PRO A 217 10.55 -7.24 -27.14
C PRO A 217 9.94 -8.54 -27.63
N VAL A 218 10.55 -9.66 -27.24
CA VAL A 218 10.04 -10.97 -27.62
C VAL A 218 8.86 -11.32 -26.71
N TYR A 219 8.79 -10.63 -25.57
CA TYR A 219 7.68 -10.80 -24.63
C TYR A 219 7.72 -9.76 -23.51
N MET A 220 6.61 -9.60 -22.81
CA MET A 220 6.52 -8.66 -21.69
C MET A 220 6.54 -9.59 -20.47
N ALA A 221 7.22 -9.18 -19.40
CA ALA A 221 7.33 -10.03 -18.22
C ALA A 221 7.13 -9.34 -16.88
N VAL A 222 6.84 -10.15 -15.86
CA VAL A 222 6.65 -9.66 -14.49
C VAL A 222 6.85 -10.80 -13.51
N SER A 223 7.42 -10.50 -12.34
CA SER A 223 7.59 -11.52 -11.31
C SER A 223 6.44 -11.22 -10.35
N LEU A 224 5.77 -12.28 -9.87
CA LEU A 224 4.61 -12.13 -9.00
C LEU A 224 4.74 -12.86 -7.67
N PRO A 225 4.04 -12.37 -6.63
CA PRO A 225 4.08 -12.97 -5.29
C PRO A 225 3.26 -14.25 -5.20
N PRO A 226 3.48 -15.04 -4.12
CA PRO A 226 2.77 -16.30 -3.91
C PRO A 226 1.26 -16.05 -3.81
N THR A 227 0.89 -14.84 -3.39
CA THR A 227 -0.53 -14.49 -3.25
C THR A 227 -1.18 -14.01 -4.55
N PHE A 228 -0.47 -14.13 -5.67
CA PHE A 228 -1.02 -13.68 -6.95
C PHE A 228 -2.41 -14.23 -7.24
N SER A 229 -3.30 -13.34 -7.64
CA SER A 229 -4.66 -13.72 -7.94
C SER A 229 -5.23 -12.98 -9.16
N PHE A 230 -6.15 -13.62 -9.85
CA PHE A 230 -6.76 -13.01 -11.03
C PHE A 230 -8.01 -13.77 -11.45
N PRO A 231 -9.10 -13.05 -11.77
CA PRO A 231 -9.19 -11.58 -11.75
C PRO A 231 -9.10 -10.97 -10.35
N GLU A 232 -8.86 -9.66 -10.29
CA GLU A 232 -8.74 -8.97 -9.01
C GLU A 232 -8.95 -7.47 -9.17
N GLU A 233 -9.78 -6.89 -8.30
CA GLU A 233 -10.05 -5.45 -8.35
C GLU A 233 -8.93 -4.71 -7.63
N SER A 234 -7.75 -4.73 -8.23
CA SER A 234 -6.56 -4.07 -7.70
C SER A 234 -5.90 -3.40 -8.88
N ASN A 235 -4.85 -2.62 -8.63
CA ASN A 235 -4.16 -1.96 -9.72
C ASN A 235 -3.59 -3.02 -10.67
N ARG A 236 -2.94 -4.03 -10.10
CA ARG A 236 -2.36 -5.10 -10.94
C ARG A 236 -3.45 -5.80 -11.75
N GLY A 237 -4.52 -6.23 -11.08
CA GLY A 237 -5.60 -6.91 -11.76
C GLY A 237 -6.21 -6.09 -12.89
N ARG A 238 -6.41 -4.80 -12.64
CA ARG A 238 -7.00 -3.93 -13.64
C ARG A 238 -6.05 -3.64 -14.80
N ILE A 239 -4.77 -3.40 -14.49
CA ILE A 239 -3.82 -3.11 -15.55
C ILE A 239 -3.63 -4.33 -16.47
N ILE A 240 -3.55 -5.52 -15.87
CA ILE A 240 -3.39 -6.74 -16.66
C ILE A 240 -4.59 -6.95 -17.56
N ARG A 241 -5.79 -6.83 -16.97
CA ARG A 241 -7.04 -7.03 -17.70
C ARG A 241 -7.35 -5.99 -18.77
N ASP A 242 -7.21 -4.72 -18.41
CA ASP A 242 -7.54 -3.64 -19.33
C ASP A 242 -6.44 -3.12 -20.25
N CYS A 243 -5.19 -3.39 -19.92
CA CYS A 243 -4.09 -2.87 -20.73
C CYS A 243 -3.13 -3.91 -21.29
N LEU A 244 -2.48 -4.65 -20.40
CA LEU A 244 -1.50 -5.65 -20.79
C LEU A 244 -2.03 -6.69 -21.79
N LEU A 245 -3.07 -7.43 -21.40
CA LEU A 245 -3.63 -8.46 -22.27
C LEU A 245 -4.08 -7.95 -23.63
N PRO A 246 -4.89 -6.87 -23.68
CA PRO A 246 -5.33 -6.35 -24.98
C PRO A 246 -4.16 -5.96 -25.88
N VAL A 247 -3.15 -5.30 -25.30
CA VAL A 247 -1.98 -4.89 -26.05
C VAL A 247 -1.12 -6.08 -26.51
N ALA A 248 -0.99 -7.09 -25.66
CA ALA A 248 -0.18 -8.25 -25.99
C ALA A 248 -0.84 -9.05 -27.12
N GLU A 249 -2.16 -9.06 -27.15
CA GLU A 249 -2.88 -9.78 -28.19
C GLU A 249 -2.72 -9.06 -29.53
N LYS A 250 -2.86 -7.74 -29.51
CA LYS A 250 -2.74 -6.95 -30.73
C LYS A 250 -1.40 -7.14 -31.41
N HIS A 251 -0.32 -7.09 -30.64
CA HIS A 251 1.02 -7.27 -31.21
C HIS A 251 1.45 -8.73 -31.18
N ASN A 252 0.55 -9.60 -30.74
CA ASN A 252 0.83 -11.03 -30.64
C ASN A 252 2.11 -11.29 -29.83
N ILE A 253 2.23 -10.62 -28.70
CA ILE A 253 3.40 -10.76 -27.83
C ILE A 253 3.02 -11.59 -26.61
N PRO A 254 3.83 -12.60 -26.26
CA PRO A 254 3.54 -13.44 -25.10
C PRO A 254 3.73 -12.68 -23.79
N PHE A 255 3.01 -13.12 -22.75
CA PHE A 255 3.10 -12.54 -21.42
C PHE A 255 3.81 -13.58 -20.53
N ALA A 256 4.95 -13.21 -19.98
CA ALA A 256 5.69 -14.10 -19.10
C ALA A 256 5.45 -13.76 -17.64
N MET A 257 5.05 -14.76 -16.87
CA MET A 257 4.79 -14.61 -15.44
C MET A 257 5.71 -15.53 -14.65
N MET A 258 6.50 -14.93 -13.74
CA MET A 258 7.43 -15.66 -12.89
C MET A 258 6.79 -15.56 -11.49
N ILE A 259 6.08 -16.62 -11.12
CA ILE A 259 5.31 -16.65 -9.88
C ILE A 259 5.88 -17.38 -8.67
N GLY A 260 5.64 -16.79 -7.49
CA GLY A 260 6.07 -17.38 -6.24
C GLY A 260 7.12 -16.67 -5.41
N VAL A 261 7.57 -15.50 -5.84
CA VAL A 261 8.60 -14.79 -5.08
C VAL A 261 8.06 -13.82 -4.02
N LYS A 262 8.52 -13.99 -2.78
CA LYS A 262 8.11 -13.13 -1.69
C LYS A 262 9.30 -12.20 -1.46
N LYS A 263 9.15 -10.96 -1.93
CA LYS A 263 10.20 -9.95 -1.86
C LYS A 263 10.60 -9.46 -0.48
N ARG A 264 11.90 -9.21 -0.34
CA ARG A 264 12.50 -8.65 0.86
C ARG A 264 12.15 -9.22 2.24
N VAL A 265 12.25 -10.52 2.44
CA VAL A 265 11.95 -11.07 3.77
C VAL A 265 13.14 -10.74 4.68
N HIS A 266 14.29 -10.46 4.06
CA HIS A 266 15.51 -10.08 4.80
C HIS A 266 16.10 -8.92 4.00
N PRO A 267 15.54 -7.71 4.16
CA PRO A 267 15.97 -6.49 3.47
C PRO A 267 17.46 -6.22 3.43
N ALA A 268 18.13 -6.39 4.57
CA ALA A 268 19.56 -6.15 4.66
C ALA A 268 20.40 -6.97 3.68
N LEU A 269 19.85 -8.06 3.18
CA LEU A 269 20.60 -8.89 2.24
C LEU A 269 20.51 -8.39 0.81
N GLY A 270 19.65 -7.39 0.57
CA GLY A 270 19.50 -6.86 -0.77
C GLY A 270 18.92 -7.89 -1.71
N ASP A 271 19.54 -8.07 -2.88
CA ASP A 271 19.05 -9.04 -3.85
C ASP A 271 19.00 -10.47 -3.32
N ALA A 272 19.74 -10.75 -2.26
CA ALA A 272 19.75 -12.08 -1.66
C ALA A 272 18.72 -12.21 -0.54
N GLY A 273 17.81 -11.23 -0.45
CA GLY A 273 16.81 -11.26 0.59
C GLY A 273 15.41 -11.72 0.25
N ASP A 274 15.23 -12.31 -0.94
CA ASP A 274 13.91 -12.78 -1.34
C ASP A 274 13.64 -14.24 -0.95
N PHE A 275 12.39 -14.53 -0.62
CA PHE A 275 11.96 -15.84 -0.20
C PHE A 275 10.97 -16.43 -1.23
N VAL A 276 10.39 -17.57 -0.92
CA VAL A 276 9.47 -18.25 -1.84
C VAL A 276 8.19 -18.73 -1.16
N GLY A 277 7.14 -18.90 -1.94
CA GLY A 277 5.88 -19.38 -1.41
C GLY A 277 5.08 -20.11 -2.49
N LYS A 278 4.28 -21.08 -2.08
CA LYS A 278 3.46 -21.83 -3.03
C LYS A 278 2.29 -20.93 -3.42
N ALA A 279 1.98 -20.89 -4.71
CA ALA A 279 0.88 -20.06 -5.18
C ALA A 279 -0.31 -20.93 -5.57
N SER A 280 -1.46 -20.29 -5.69
CA SER A 280 -2.67 -20.95 -6.11
C SER A 280 -2.58 -20.96 -7.64
N MET A 281 -3.11 -21.99 -8.28
CA MET A 281 -3.08 -22.05 -9.74
C MET A 281 -4.33 -21.38 -10.36
N ASP A 282 -5.28 -21.00 -9.52
CA ASP A 282 -6.53 -20.39 -9.98
C ASP A 282 -6.37 -19.22 -10.94
N GLY A 283 -5.51 -18.27 -10.60
CA GLY A 283 -5.30 -17.12 -11.45
C GLY A 283 -4.74 -17.47 -12.82
N VAL A 284 -3.76 -18.37 -12.86
CA VAL A 284 -3.16 -18.78 -14.12
C VAL A 284 -4.17 -19.56 -14.96
N GLU A 285 -4.94 -20.43 -14.30
CA GLU A 285 -5.96 -21.22 -14.96
C GLU A 285 -6.99 -20.30 -15.63
N HIS A 286 -7.42 -19.29 -14.90
CA HIS A 286 -8.40 -18.35 -15.42
C HIS A 286 -7.86 -17.59 -16.63
N LEU A 287 -6.62 -17.11 -16.51
CA LEU A 287 -6.00 -16.37 -17.60
C LEU A 287 -5.88 -17.19 -18.87
N LEU A 288 -5.43 -18.43 -18.75
CA LEU A 288 -5.26 -19.32 -19.89
C LEU A 288 -6.58 -19.63 -20.59
N ARG A 289 -7.62 -19.93 -19.80
CA ARG A 289 -8.91 -20.26 -20.35
C ARG A 289 -9.70 -19.07 -20.88
N GLU A 290 -9.69 -17.96 -20.16
CA GLU A 290 -10.45 -16.79 -20.58
C GLU A 290 -9.79 -15.89 -21.64
N TYR A 291 -8.49 -16.08 -21.86
CA TYR A 291 -7.79 -15.29 -22.86
C TYR A 291 -7.08 -16.22 -23.84
N PRO A 292 -7.84 -17.00 -24.60
CA PRO A 292 -7.32 -17.96 -25.58
C PRO A 292 -6.48 -17.36 -26.69
N ASN A 293 -6.64 -16.06 -26.93
CA ASN A 293 -5.88 -15.40 -27.99
C ASN A 293 -4.59 -14.79 -27.46
N ASN A 294 -4.34 -14.97 -26.17
CA ASN A 294 -3.11 -14.48 -25.56
C ASN A 294 -2.20 -15.69 -25.31
N LYS A 295 -0.89 -15.43 -25.32
CA LYS A 295 0.10 -16.46 -25.09
C LYS A 295 0.77 -16.16 -23.75
N PHE A 296 1.00 -17.22 -22.98
CA PHE A 296 1.59 -17.09 -21.66
C PHE A 296 2.82 -17.99 -21.44
N LEU A 297 3.88 -17.38 -20.97
CA LEU A 297 5.12 -18.09 -20.64
C LEU A 297 5.10 -18.11 -19.11
N VAL A 298 5.22 -19.29 -18.51
CA VAL A 298 5.19 -19.37 -17.06
C VAL A 298 6.25 -20.25 -16.44
N THR A 299 6.76 -19.79 -15.29
CA THR A 299 7.74 -20.55 -14.50
C THR A 299 7.37 -20.21 -13.06
N MET A 300 7.46 -21.21 -12.18
CA MET A 300 7.10 -20.98 -10.78
C MET A 300 8.26 -21.29 -9.84
N LEU A 301 8.29 -20.57 -8.72
CA LEU A 301 9.36 -20.71 -7.74
C LEU A 301 9.22 -21.84 -6.72
N SER A 302 7.99 -22.18 -6.36
CA SER A 302 7.79 -23.24 -5.37
C SER A 302 7.90 -24.66 -5.93
N ARG A 303 8.63 -25.51 -5.23
CA ARG A 303 8.78 -26.90 -5.65
C ARG A 303 7.41 -27.59 -5.66
N GLU A 304 6.53 -27.15 -4.77
CA GLU A 304 5.19 -27.72 -4.65
C GLU A 304 4.18 -27.29 -5.74
N ASN A 305 4.58 -26.39 -6.62
CA ASN A 305 3.73 -25.93 -7.72
C ASN A 305 4.13 -26.62 -9.02
N GLN A 306 5.31 -27.22 -9.05
CA GLN A 306 5.82 -27.81 -10.28
C GLN A 306 4.96 -28.84 -10.99
N HIS A 307 4.53 -29.88 -10.29
CA HIS A 307 3.72 -30.88 -10.93
C HIS A 307 2.38 -30.34 -11.44
N GLU A 308 1.65 -29.56 -10.63
CA GLU A 308 0.37 -29.04 -11.13
C GLU A 308 0.55 -28.09 -12.31
N LEU A 309 1.71 -27.43 -12.39
CA LEU A 309 1.96 -26.53 -13.50
C LEU A 309 2.08 -27.36 -14.78
N VAL A 310 2.74 -28.51 -14.67
CA VAL A 310 2.89 -29.40 -15.82
C VAL A 310 1.51 -29.86 -16.26
N VAL A 311 0.66 -30.21 -15.30
CA VAL A 311 -0.68 -30.66 -15.67
C VAL A 311 -1.48 -29.56 -16.35
N LEU A 312 -1.31 -28.32 -15.90
CA LEU A 312 -2.04 -27.21 -16.49
C LEU A 312 -1.58 -27.00 -17.94
N ALA A 313 -0.31 -27.30 -18.22
CA ALA A 313 0.20 -27.17 -19.59
C ALA A 313 -0.46 -28.20 -20.51
N ARG A 314 -0.88 -29.33 -19.93
CA ARG A 314 -1.55 -30.37 -20.69
C ARG A 314 -2.95 -29.90 -21.08
N LYS A 315 -3.50 -28.97 -20.28
CA LYS A 315 -4.83 -28.43 -20.52
C LYS A 315 -4.87 -27.31 -21.55
N PHE A 316 -3.89 -26.41 -21.50
CA PHE A 316 -3.89 -25.26 -22.39
C PHE A 316 -2.67 -25.08 -23.25
N SER A 317 -2.91 -25.03 -24.56
CA SER A 317 -1.84 -24.86 -25.54
C SER A 317 -1.30 -23.42 -25.60
N ASN A 318 -2.00 -22.46 -24.98
CA ASN A 318 -1.50 -21.09 -24.98
C ASN A 318 -0.56 -20.88 -23.79
N LEU A 319 -0.20 -21.98 -23.13
CA LEU A 319 0.73 -21.94 -22.02
C LEU A 319 2.03 -22.66 -22.40
N MET A 320 3.15 -21.97 -22.24
CA MET A 320 4.45 -22.59 -22.51
C MET A 320 5.22 -22.45 -21.20
N ILE A 321 5.52 -23.57 -20.55
CA ILE A 321 6.26 -23.48 -19.30
C ILE A 321 7.75 -23.52 -19.62
N PHE A 322 8.53 -22.82 -18.80
CA PHE A 322 9.97 -22.78 -19.02
C PHE A 322 10.82 -22.80 -17.76
N GLY A 323 12.03 -23.30 -17.93
CA GLY A 323 13.05 -23.37 -16.90
C GLY A 323 12.81 -23.90 -15.50
N CYS A 324 13.91 -23.91 -14.75
CA CYS A 324 13.95 -24.33 -13.36
C CYS A 324 14.50 -23.07 -12.73
N TRP A 325 13.57 -22.23 -12.31
CA TRP A 325 13.88 -20.92 -11.77
C TRP A 325 14.41 -20.73 -10.35
N TRP A 326 15.53 -20.02 -10.26
CA TRP A 326 16.12 -19.62 -9.00
C TRP A 326 16.37 -20.75 -7.99
N PHE A 327 15.51 -20.84 -6.98
CA PHE A 327 15.63 -21.87 -5.95
C PHE A 327 15.34 -23.27 -6.51
N MET A 328 14.80 -23.34 -7.72
CA MET A 328 14.52 -24.61 -8.39
C MET A 328 15.74 -25.05 -9.22
N ASN A 329 16.66 -24.10 -9.46
CA ASN A 329 17.83 -24.36 -10.28
C ASN A 329 18.97 -25.10 -9.59
N ASN A 330 18.66 -26.30 -9.11
CA ASN A 330 19.61 -27.17 -8.42
C ASN A 330 19.42 -28.57 -9.00
N PRO A 331 20.51 -29.30 -9.25
CA PRO A 331 20.46 -30.65 -9.82
C PRO A 331 19.30 -31.55 -9.39
N GLU A 332 19.15 -31.74 -8.08
CA GLU A 332 18.08 -32.60 -7.57
C GLU A 332 16.72 -32.17 -8.10
N ILE A 333 16.46 -30.87 -8.10
CA ILE A 333 15.18 -30.35 -8.57
C ILE A 333 15.07 -30.31 -10.09
N ILE A 334 16.14 -29.90 -10.76
CA ILE A 334 16.13 -29.83 -12.20
C ILE A 334 15.82 -31.23 -12.75
N ASN A 335 16.46 -32.24 -12.18
CA ASN A 335 16.26 -33.61 -12.63
C ASN A 335 14.80 -34.05 -12.49
N GLU A 336 14.22 -33.87 -11.30
CA GLU A 336 12.84 -34.28 -11.09
C GLU A 336 11.86 -33.49 -11.96
N MET A 337 12.04 -32.18 -12.06
CA MET A 337 11.17 -31.34 -12.88
C MET A 337 11.24 -31.72 -14.36
N THR A 338 12.45 -31.86 -14.90
CA THR A 338 12.61 -32.20 -16.30
C THR A 338 12.00 -33.54 -16.66
N ARG A 339 12.12 -34.51 -15.77
CA ARG A 339 11.56 -35.83 -16.02
C ARG A 339 10.02 -35.77 -15.96
N MET A 340 9.46 -35.08 -14.97
CA MET A 340 8.01 -34.98 -14.87
C MET A 340 7.48 -34.29 -16.13
N ARG A 341 8.18 -33.25 -16.57
CA ARG A 341 7.76 -32.51 -17.76
C ARG A 341 7.80 -33.32 -19.06
N MET A 342 8.90 -34.03 -19.31
CA MET A 342 8.99 -34.82 -20.55
C MET A 342 7.95 -35.95 -20.52
N GLU A 343 7.76 -36.53 -19.35
CA GLU A 343 6.80 -37.61 -19.19
C GLU A 343 5.35 -37.22 -19.53
N MET A 344 4.95 -36.00 -19.15
CA MET A 344 3.59 -35.55 -19.43
C MET A 344 3.44 -34.61 -20.63
N LEU A 345 4.55 -34.08 -21.14
CA LEU A 345 4.48 -33.13 -22.25
C LEU A 345 5.37 -33.48 -23.44
N GLY A 346 6.16 -34.56 -23.32
CA GLY A 346 7.04 -34.93 -24.41
C GLY A 346 8.08 -33.85 -24.59
N THR A 347 8.14 -33.22 -25.77
CA THR A 347 9.11 -32.17 -25.99
C THR A 347 8.47 -30.79 -26.11
N SER A 348 7.21 -30.65 -25.70
CA SER A 348 6.52 -29.36 -25.82
C SER A 348 6.70 -28.41 -24.63
N PHE A 349 7.95 -28.13 -24.28
CA PHE A 349 8.27 -27.22 -23.19
C PHE A 349 9.70 -26.73 -23.34
N ILE A 350 10.04 -25.69 -22.58
CA ILE A 350 11.39 -25.12 -22.60
C ILE A 350 12.01 -25.52 -21.27
N PRO A 351 12.88 -26.55 -21.27
CA PRO A 351 13.52 -27.04 -20.06
C PRO A 351 14.33 -26.07 -19.19
N GLN A 352 15.03 -25.13 -19.80
CA GLN A 352 15.85 -24.26 -18.99
C GLN A 352 16.18 -22.89 -19.56
N HIS A 353 16.60 -22.00 -18.65
CA HIS A 353 17.05 -20.65 -18.96
C HIS A 353 18.13 -20.45 -17.88
N SER A 354 19.08 -19.56 -18.11
CA SER A 354 20.16 -19.36 -17.14
C SER A 354 19.89 -18.35 -16.04
N ASP A 355 19.17 -17.27 -16.37
CA ASP A 355 18.89 -16.22 -15.39
C ASP A 355 20.22 -15.58 -14.99
N ALA A 356 21.21 -15.68 -15.88
CA ALA A 356 22.54 -15.15 -15.58
C ALA A 356 22.57 -13.66 -15.29
N ARG A 357 23.26 -13.30 -14.22
CA ARG A 357 23.44 -11.91 -13.80
C ARG A 357 24.85 -11.47 -14.15
N VAL A 358 25.74 -12.45 -14.24
CA VAL A 358 27.13 -12.21 -14.58
C VAL A 358 27.44 -13.02 -15.84
N LEU A 359 28.00 -12.35 -16.85
CA LEU A 359 28.32 -12.96 -18.13
C LEU A 359 28.84 -14.39 -18.11
N GLU A 360 29.92 -14.65 -17.36
CA GLU A 360 30.51 -15.99 -17.32
C GLU A 360 29.59 -17.11 -16.81
N GLN A 361 28.53 -16.76 -16.11
CA GLN A 361 27.62 -17.78 -15.59
C GLN A 361 26.99 -18.62 -16.69
N LEU A 362 26.91 -18.08 -17.90
CA LEU A 362 26.35 -18.82 -19.02
C LEU A 362 27.09 -20.15 -19.19
N ILE A 363 28.36 -20.16 -18.86
CA ILE A 363 29.16 -21.36 -18.98
C ILE A 363 28.66 -22.46 -18.04
N TYR A 364 28.65 -22.20 -16.73
CA TYR A 364 28.21 -23.24 -15.81
C TYR A 364 26.71 -23.50 -15.83
N LYS A 365 25.91 -22.45 -15.98
CA LYS A 365 24.47 -22.64 -16.00
C LYS A 365 24.09 -23.63 -17.10
N TRP A 366 24.62 -23.43 -18.30
CA TRP A 366 24.29 -24.32 -19.39
C TRP A 366 25.02 -25.66 -19.36
N HIS A 367 26.24 -25.66 -18.82
CA HIS A 367 26.99 -26.90 -18.73
C HIS A 367 26.30 -27.85 -17.75
N HIS A 368 25.98 -27.34 -16.57
CA HIS A 368 25.32 -28.13 -15.54
C HIS A 368 23.94 -28.64 -15.98
N SER A 369 23.15 -27.75 -16.59
CA SER A 369 21.81 -28.11 -17.04
C SER A 369 21.83 -29.05 -18.24
N LYS A 370 22.72 -28.82 -19.20
CA LYS A 370 22.79 -29.69 -20.36
C LYS A 370 23.10 -31.14 -20.00
N SER A 371 24.00 -31.36 -19.05
CA SER A 371 24.34 -32.72 -18.67
C SER A 371 23.16 -33.45 -18.05
N ILE A 372 22.32 -32.72 -17.31
CA ILE A 372 21.15 -33.33 -16.69
C ILE A 372 20.08 -33.62 -17.75
N ILE A 373 19.83 -32.64 -18.62
CA ILE A 373 18.85 -32.81 -19.68
C ILE A 373 19.26 -33.96 -20.62
N ALA A 374 20.56 -34.07 -20.89
CA ALA A 374 21.07 -35.13 -21.75
C ALA A 374 20.75 -36.50 -21.13
N GLU A 375 20.97 -36.64 -19.82
CA GLU A 375 20.68 -37.91 -19.15
C GLU A 375 19.19 -38.25 -19.20
N VAL A 376 18.34 -37.24 -19.05
CA VAL A 376 16.90 -37.48 -19.12
C VAL A 376 16.53 -37.95 -20.54
N LEU A 377 17.08 -37.28 -21.55
CA LEU A 377 16.80 -37.63 -22.94
C LEU A 377 17.26 -39.06 -23.24
N ILE A 378 18.42 -39.42 -22.74
CA ILE A 378 18.95 -40.76 -22.94
C ILE A 378 18.01 -41.81 -22.34
N ASP A 379 17.50 -41.55 -21.13
CA ASP A 379 16.57 -42.51 -20.52
C ASP A 379 15.28 -42.62 -21.35
N LYS A 380 14.73 -41.49 -21.76
CA LYS A 380 13.50 -41.50 -22.55
C LYS A 380 13.65 -42.12 -23.93
N TYR A 381 14.77 -41.87 -24.60
CA TYR A 381 14.97 -42.46 -25.92
C TYR A 381 15.20 -43.98 -25.75
N ASP A 382 15.93 -44.36 -24.72
CA ASP A 382 16.20 -45.77 -24.47
C ASP A 382 14.91 -46.54 -24.18
N ASP A 383 13.97 -45.93 -23.48
CA ASP A 383 12.71 -46.60 -23.19
C ASP A 383 11.93 -46.92 -24.46
N ILE A 384 11.90 -46.00 -25.43
CA ILE A 384 11.17 -46.28 -26.66
C ILE A 384 12.00 -47.17 -27.58
N LEU A 385 13.31 -47.13 -27.42
CA LEU A 385 14.17 -47.99 -28.23
C LEU A 385 13.89 -49.42 -27.79
N GLN A 386 13.73 -49.63 -26.48
CA GLN A 386 13.43 -50.96 -25.95
C GLN A 386 12.04 -51.40 -26.38
N ALA A 387 11.21 -50.44 -26.76
CA ALA A 387 9.85 -50.75 -27.21
C ALA A 387 9.86 -51.09 -28.70
N GLY A 388 11.04 -51.06 -29.32
CA GLY A 388 11.15 -51.40 -30.73
C GLY A 388 11.25 -50.20 -31.67
N TRP A 389 11.10 -49.00 -31.14
CA TRP A 389 11.19 -47.80 -31.95
C TRP A 389 12.64 -47.52 -32.34
N GLU A 390 12.84 -46.92 -33.50
CA GLU A 390 14.18 -46.57 -33.95
C GLU A 390 14.29 -45.06 -34.11
N VAL A 391 15.21 -44.46 -33.36
CA VAL A 391 15.38 -43.02 -33.44
C VAL A 391 16.62 -42.70 -34.26
N THR A 392 16.49 -41.78 -35.20
CA THR A 392 17.63 -41.41 -36.05
C THR A 392 18.37 -40.25 -35.40
N GLU A 393 19.63 -40.08 -35.77
CA GLU A 393 20.41 -38.99 -35.20
C GLU A 393 19.80 -37.64 -35.57
N GLU A 394 19.21 -37.55 -36.76
CA GLU A 394 18.60 -36.30 -37.18
C GLU A 394 17.36 -35.99 -36.36
N GLU A 395 16.62 -37.02 -35.94
CA GLU A 395 15.43 -36.81 -35.12
C GLU A 395 15.86 -36.33 -33.73
N ILE A 396 17.00 -36.83 -33.26
CA ILE A 396 17.54 -36.43 -31.97
C ILE A 396 17.95 -34.95 -32.03
N LYS A 397 18.67 -34.58 -33.09
CA LYS A 397 19.10 -33.19 -33.27
C LYS A 397 17.87 -32.29 -33.36
N ARG A 398 16.83 -32.78 -34.02
CA ARG A 398 15.59 -32.04 -34.17
C ARG A 398 14.94 -31.81 -32.80
N ASP A 399 14.81 -32.87 -32.02
CA ASP A 399 14.19 -32.77 -30.69
C ASP A 399 14.98 -31.82 -29.79
N VAL A 400 16.31 -31.96 -29.83
CA VAL A 400 17.20 -31.13 -29.04
C VAL A 400 17.08 -29.66 -29.44
N ALA A 401 16.90 -29.40 -30.74
CA ALA A 401 16.75 -28.04 -31.24
C ALA A 401 15.45 -27.43 -30.73
N ASP A 402 14.40 -28.23 -30.64
CA ASP A 402 13.12 -27.72 -30.13
C ASP A 402 13.24 -27.31 -28.67
N LEU A 403 13.85 -28.17 -27.86
CA LEU A 403 14.02 -27.92 -26.44
C LEU A 403 14.88 -26.70 -26.13
N PHE A 404 16.04 -26.59 -26.77
CA PHE A 404 16.95 -25.50 -26.50
C PHE A 404 16.79 -24.21 -27.30
N SER A 405 15.92 -24.20 -28.31
CA SER A 405 15.79 -22.99 -29.10
C SER A 405 14.49 -22.76 -29.88
N ARG A 406 14.09 -23.73 -30.69
CA ARG A 406 12.91 -23.59 -31.54
C ARG A 406 11.56 -23.44 -30.84
N ASN A 407 11.34 -24.17 -29.75
CA ASN A 407 10.06 -24.05 -29.06
C ASN A 407 9.82 -22.61 -28.64
N PHE A 408 10.87 -21.94 -28.15
CA PHE A 408 10.76 -20.55 -27.73
C PHE A 408 10.42 -19.63 -28.90
N TRP A 409 11.25 -19.66 -29.94
CA TRP A 409 11.04 -18.79 -31.09
C TRP A 409 9.70 -19.05 -31.77
N ARG A 410 9.28 -20.30 -31.74
CA ARG A 410 8.00 -20.67 -32.34
C ARG A 410 6.86 -20.09 -31.50
N PHE A 411 7.01 -20.15 -30.17
CA PHE A 411 5.97 -19.64 -29.28
C PHE A 411 5.83 -18.12 -29.35
N VAL A 412 6.94 -17.40 -29.34
CA VAL A 412 6.89 -15.95 -29.40
C VAL A 412 6.48 -15.51 -30.81
N GLY A 413 6.59 -16.42 -31.77
CA GLY A 413 6.21 -16.13 -33.13
C GLY A 413 7.15 -15.20 -33.88
N SER B 5 -45.82 18.39 38.00
CA SER B 5 -44.45 18.49 38.56
C SER B 5 -43.39 18.07 37.55
N ARG B 6 -43.82 17.47 36.45
CA ARG B 6 -42.88 17.07 35.42
C ARG B 6 -42.49 18.34 34.67
N GLU B 7 -43.44 19.26 34.53
CA GLU B 7 -43.17 20.52 33.85
C GLU B 7 -42.28 21.42 34.70
N VAL B 8 -42.38 21.29 36.01
CA VAL B 8 -41.53 22.09 36.90
C VAL B 8 -40.11 21.56 36.68
N LEU B 9 -39.99 20.25 36.60
CA LEU B 9 -38.70 19.59 36.37
C LEU B 9 -38.18 19.96 34.99
N ALA B 10 -39.06 19.94 34.01
CA ALA B 10 -38.70 20.26 32.63
C ALA B 10 -38.09 21.64 32.49
N GLU B 11 -38.69 22.63 33.17
CA GLU B 11 -38.17 23.99 33.10
C GLU B 11 -36.80 24.13 33.72
N LYS B 12 -36.57 23.40 34.82
CA LYS B 12 -35.27 23.46 35.48
C LYS B 12 -34.19 22.74 34.67
N VAL B 13 -34.55 21.60 34.08
CA VAL B 13 -33.59 20.85 33.27
C VAL B 13 -33.21 21.68 32.05
N LYS B 14 -34.21 22.22 31.37
CA LYS B 14 -33.97 23.03 30.18
C LYS B 14 -33.12 24.25 30.51
N ASN B 15 -33.45 24.93 31.61
CA ASN B 15 -32.69 26.10 32.01
C ASN B 15 -31.24 25.71 32.28
N ALA B 16 -31.04 24.65 33.05
CA ALA B 16 -29.71 24.18 33.37
C ALA B 16 -28.92 23.84 32.10
N VAL B 17 -29.56 23.11 31.20
CA VAL B 17 -28.93 22.71 29.94
C VAL B 17 -28.55 23.91 29.07
N ASN B 18 -29.48 24.84 28.92
CA ASN B 18 -29.22 26.03 28.10
C ASN B 18 -28.17 26.97 28.68
N ASN B 19 -28.11 27.07 30.00
CA ASN B 19 -27.16 27.96 30.65
C ASN B 19 -25.77 27.36 30.88
N GLN B 20 -25.64 26.04 30.74
CA GLN B 20 -24.36 25.38 30.97
C GLN B 20 -23.35 25.68 29.86
N PRO B 21 -22.20 26.29 30.20
CA PRO B 21 -21.18 26.59 29.20
C PRO B 21 -20.67 25.27 28.64
N VAL B 22 -20.57 25.19 27.32
CA VAL B 22 -20.13 23.95 26.68
C VAL B 22 -18.67 23.87 26.28
N THR B 23 -18.08 22.71 26.53
CA THR B 23 -16.72 22.44 26.09
C THR B 23 -16.94 21.50 24.90
N ASP B 24 -16.67 21.99 23.70
CA ASP B 24 -16.83 21.19 22.48
C ASP B 24 -15.51 20.45 22.31
N MET B 25 -15.47 19.17 22.69
CA MET B 25 -14.22 18.44 22.62
C MET B 25 -13.70 17.90 21.29
N HIS B 26 -14.39 18.22 20.20
CA HIS B 26 -13.93 17.83 18.87
C HIS B 26 -14.59 18.65 17.78
N THR B 27 -13.79 19.50 17.13
CA THR B 27 -14.27 20.34 16.05
C THR B 27 -13.16 20.47 15.02
N HIS B 28 -13.48 21.17 13.93
CA HIS B 28 -12.53 21.41 12.87
C HIS B 28 -12.46 22.94 12.71
N LEU B 29 -12.54 23.62 13.84
CA LEU B 29 -12.45 25.08 13.87
C LEU B 29 -11.04 25.44 14.30
N PHE B 30 -10.67 26.70 14.10
CA PHE B 30 -9.34 27.17 14.47
C PHE B 30 -9.39 28.52 15.14
N SER B 31 -8.42 28.78 16.02
CA SER B 31 -8.33 30.06 16.69
C SER B 31 -8.33 31.10 15.57
N PRO B 32 -9.12 32.18 15.71
CA PRO B 32 -9.19 33.21 14.68
C PRO B 32 -7.85 33.76 14.19
N ASN B 33 -6.87 33.82 15.07
CA ASN B 33 -5.54 34.33 14.72
C ASN B 33 -4.76 33.36 13.83
N PHE B 34 -5.28 32.15 13.65
CA PHE B 34 -4.60 31.17 12.80
C PHE B 34 -4.78 31.48 11.33
N GLY B 35 -5.68 32.42 11.03
CA GLY B 35 -5.90 32.80 9.66
C GLY B 35 -7.18 32.35 8.97
N GLU B 36 -7.08 32.22 7.66
CA GLU B 36 -8.19 31.82 6.81
C GLU B 36 -8.68 30.40 7.00
N ILE B 37 -7.90 29.56 7.67
CA ILE B 37 -8.34 28.18 7.87
C ILE B 37 -9.65 28.18 8.67
N LEU B 38 -9.89 29.26 9.42
CA LEU B 38 -11.14 29.38 10.17
C LEU B 38 -12.23 29.76 9.19
N LEU B 39 -13.10 28.82 8.86
CA LEU B 39 -14.18 29.09 7.92
C LEU B 39 -15.41 29.65 8.64
N TRP B 40 -16.04 30.65 8.04
CA TRP B 40 -17.25 31.26 8.59
C TRP B 40 -18.00 32.06 7.52
N ASP B 41 -19.27 32.36 7.82
CA ASP B 41 -20.19 33.12 6.97
C ASP B 41 -21.20 32.20 6.26
N ILE B 42 -22.30 32.78 5.81
CA ILE B 42 -23.37 32.02 5.16
C ILE B 42 -22.94 31.19 3.94
N ASP B 43 -21.95 31.64 3.19
CA ASP B 43 -21.50 30.90 2.02
C ASP B 43 -20.79 29.60 2.42
N GLU B 44 -20.04 29.66 3.52
CA GLU B 44 -19.34 28.47 4.00
C GLU B 44 -20.35 27.47 4.55
N LEU B 45 -21.33 27.96 5.31
CA LEU B 45 -22.37 27.10 5.87
C LEU B 45 -23.08 26.32 4.77
N LEU B 46 -23.43 27.01 3.69
CA LEU B 46 -24.12 26.38 2.58
C LEU B 46 -23.26 25.42 1.77
N THR B 47 -21.95 25.64 1.76
CA THR B 47 -21.05 24.76 1.00
C THR B 47 -20.41 23.66 1.86
N TYR B 48 -20.95 23.48 3.07
CA TYR B 48 -20.52 22.44 4.01
C TYR B 48 -20.64 21.14 3.19
N HIS B 49 -19.69 20.23 3.30
CA HIS B 49 -19.76 19.03 2.49
C HIS B 49 -21.01 18.17 2.70
N TYR B 50 -21.64 18.28 3.85
CA TYR B 50 -22.88 17.52 4.09
C TYR B 50 -23.92 17.97 3.07
N LEU B 51 -23.92 19.25 2.71
CA LEU B 51 -24.90 19.78 1.76
C LEU B 51 -24.48 19.55 0.30
N VAL B 52 -23.18 19.40 0.06
CA VAL B 52 -22.71 19.13 -1.29
C VAL B 52 -23.29 17.77 -1.70
N ALA B 53 -23.16 16.79 -0.80
CA ALA B 53 -23.66 15.45 -1.05
C ALA B 53 -25.17 15.48 -1.32
N GLU B 54 -25.90 16.27 -0.52
CA GLU B 54 -27.34 16.35 -0.68
C GLU B 54 -27.79 17.03 -1.97
N VAL B 55 -27.09 18.10 -2.36
CA VAL B 55 -27.48 18.79 -3.58
C VAL B 55 -27.20 17.92 -4.81
N MET B 56 -26.16 17.09 -4.75
CA MET B 56 -25.84 16.23 -5.88
C MET B 56 -26.91 15.17 -6.14
N ARG B 57 -27.80 14.96 -5.19
CA ARG B 57 -28.89 13.99 -5.39
C ARG B 57 -30.04 14.62 -6.17
N TRP B 58 -30.00 15.95 -6.31
CA TRP B 58 -31.05 16.69 -7.01
C TRP B 58 -30.63 17.42 -8.27
N THR B 59 -29.55 18.19 -8.19
CA THR B 59 -29.08 19.01 -9.31
C THR B 59 -28.59 18.26 -10.55
N ASP B 60 -28.79 18.90 -11.71
CA ASP B 60 -28.35 18.33 -12.98
C ASP B 60 -26.94 18.80 -13.26
N VAL B 61 -26.44 19.68 -12.40
CA VAL B 61 -25.09 20.21 -12.54
C VAL B 61 -24.10 19.10 -12.19
N SER B 62 -23.14 18.87 -13.07
CA SER B 62 -22.14 17.82 -12.83
C SER B 62 -21.26 18.20 -11.64
N ILE B 63 -20.66 17.19 -11.01
CA ILE B 63 -19.81 17.43 -9.87
C ILE B 63 -18.59 18.27 -10.28
N GLU B 64 -18.11 18.06 -11.50
CA GLU B 64 -16.96 18.82 -12.01
C GLU B 64 -17.33 20.30 -12.13
N ALA B 65 -18.49 20.56 -12.73
CA ALA B 65 -18.96 21.91 -12.91
C ALA B 65 -19.15 22.58 -11.55
N PHE B 66 -19.59 21.79 -10.57
CA PHE B 66 -19.81 22.32 -9.24
C PHE B 66 -18.50 22.81 -8.63
N TRP B 67 -17.47 21.98 -8.70
CA TRP B 67 -16.18 22.34 -8.14
C TRP B 67 -15.54 23.50 -8.90
N ALA B 68 -16.00 23.75 -10.11
CA ALA B 68 -15.46 24.85 -10.92
C ALA B 68 -16.14 26.17 -10.58
N MET B 69 -17.35 26.12 -10.02
CA MET B 69 -18.07 27.33 -9.65
C MET B 69 -17.35 28.05 -8.51
N SER B 70 -17.66 29.32 -8.32
CA SER B 70 -17.07 30.09 -7.23
C SER B 70 -17.88 29.68 -6.01
N LYS B 71 -17.39 30.01 -4.82
CA LYS B 71 -18.12 29.63 -3.61
C LYS B 71 -19.49 30.31 -3.57
N ARG B 72 -19.58 31.49 -4.17
CA ARG B 72 -20.83 32.23 -4.20
C ARG B 72 -21.85 31.48 -5.05
N GLU B 73 -21.41 30.99 -6.20
CA GLU B 73 -22.28 30.26 -7.11
C GLU B 73 -22.70 28.91 -6.54
N GLN B 74 -21.78 28.22 -5.87
CA GLN B 74 -22.10 26.93 -5.28
C GLN B 74 -23.17 27.15 -4.22
N ALA B 75 -22.98 28.17 -3.40
CA ALA B 75 -23.92 28.51 -2.34
C ALA B 75 -25.30 28.86 -2.91
N ASP B 76 -25.33 29.58 -4.03
CA ASP B 76 -26.60 29.94 -4.67
C ASP B 76 -27.29 28.69 -5.20
N LEU B 77 -26.51 27.78 -5.76
CA LEU B 77 -27.07 26.54 -6.31
C LEU B 77 -27.68 25.70 -5.20
N ILE B 78 -26.93 25.49 -4.13
CA ILE B 78 -27.40 24.71 -2.99
C ILE B 78 -28.65 25.32 -2.35
N TRP B 79 -28.68 26.65 -2.26
CA TRP B 79 -29.81 27.35 -1.68
C TRP B 79 -31.05 27.10 -2.53
N GLU B 80 -30.89 27.24 -3.84
CA GLU B 80 -31.98 27.03 -4.80
C GLU B 80 -32.48 25.58 -4.79
N GLU B 81 -31.55 24.64 -4.94
CA GLU B 81 -31.89 23.21 -4.99
C GLU B 81 -32.46 22.62 -3.70
N LEU B 82 -31.84 22.93 -2.56
CA LEU B 82 -32.28 22.37 -1.30
C LEU B 82 -33.24 23.18 -0.43
N PHE B 83 -33.33 24.49 -0.65
CA PHE B 83 -34.21 25.30 0.19
C PHE B 83 -35.42 25.84 -0.55
N ILE B 84 -35.25 26.15 -1.82
CA ILE B 84 -36.33 26.70 -2.64
C ILE B 84 -37.12 25.67 -3.45
N LYS B 85 -36.42 24.80 -4.17
CA LYS B 85 -37.10 23.79 -4.98
C LYS B 85 -37.73 22.66 -4.16
N ARG B 86 -37.20 22.43 -2.96
CA ARG B 86 -37.73 21.42 -2.04
C ARG B 86 -37.59 22.03 -0.66
N SER B 87 -38.46 21.65 0.26
CA SER B 87 -38.38 22.19 1.62
C SER B 87 -37.09 21.71 2.28
N PRO B 88 -36.41 22.59 3.02
CA PRO B 88 -35.15 22.27 3.70
C PRO B 88 -35.35 21.47 4.98
N VAL B 89 -35.93 20.28 4.86
CA VAL B 89 -36.21 19.46 6.03
C VAL B 89 -35.09 18.56 6.55
N SER B 90 -34.02 18.36 5.79
CA SER B 90 -32.93 17.51 6.27
C SER B 90 -32.25 18.17 7.47
N GLU B 91 -31.55 17.38 8.27
CA GLU B 91 -30.87 17.89 9.45
C GLU B 91 -29.85 18.99 9.15
N ALA B 92 -29.07 18.80 8.09
CA ALA B 92 -28.06 19.80 7.71
C ALA B 92 -28.69 21.11 7.23
N CYS B 93 -29.76 21.01 6.45
CA CYS B 93 -30.45 22.19 5.95
C CYS B 93 -31.13 22.92 7.10
N ARG B 94 -31.75 22.15 7.98
CA ARG B 94 -32.41 22.69 9.16
C ARG B 94 -31.37 23.48 9.95
N GLY B 95 -30.17 22.92 10.03
CA GLY B 95 -29.09 23.55 10.76
C GLY B 95 -28.74 24.94 10.25
N VAL B 96 -28.71 25.11 8.93
CA VAL B 96 -28.41 26.41 8.34
C VAL B 96 -29.43 27.44 8.82
N LEU B 97 -30.70 27.09 8.78
CA LEU B 97 -31.76 28.00 9.21
C LEU B 97 -31.61 28.36 10.68
N THR B 98 -31.30 27.37 11.52
CA THR B 98 -31.11 27.60 12.94
C THR B 98 -29.98 28.62 13.17
N CYS B 99 -28.92 28.52 12.37
CA CYS B 99 -27.80 29.45 12.49
C CYS B 99 -28.25 30.87 12.12
N LEU B 100 -28.99 30.99 11.03
CA LEU B 100 -29.48 32.28 10.58
C LEU B 100 -30.33 32.96 11.66
N GLN B 101 -31.33 32.25 12.15
CA GLN B 101 -32.22 32.77 13.18
C GLN B 101 -31.46 33.14 14.45
N GLY B 102 -30.49 32.30 14.83
CA GLY B 102 -29.72 32.55 16.03
C GLY B 102 -28.90 33.83 15.93
N LEU B 103 -28.49 34.17 14.71
CA LEU B 103 -27.70 35.38 14.48
C LEU B 103 -28.58 36.61 14.38
N GLY B 104 -29.89 36.40 14.42
CA GLY B 104 -30.81 37.52 14.33
C GLY B 104 -31.33 37.73 12.93
N LEU B 105 -30.90 36.90 11.99
CA LEU B 105 -31.36 37.02 10.61
C LEU B 105 -32.73 36.36 10.51
N ASP B 106 -33.47 36.65 9.46
CA ASP B 106 -34.83 36.12 9.31
C ASP B 106 -35.03 35.13 8.14
N PRO B 107 -35.08 33.82 8.46
CA PRO B 107 -35.28 32.77 7.46
C PRO B 107 -36.60 32.92 6.70
N ALA B 108 -37.53 33.67 7.28
CA ALA B 108 -38.83 33.87 6.66
C ALA B 108 -38.73 34.60 5.31
N THR B 109 -37.77 35.51 5.18
CA THR B 109 -37.60 36.25 3.94
C THR B 109 -36.89 35.48 2.85
N ARG B 110 -36.13 34.46 3.23
CA ARG B 110 -35.38 33.65 2.27
C ARG B 110 -34.47 34.55 1.43
N ASP B 111 -34.07 35.69 2.00
CA ASP B 111 -33.23 36.64 1.28
C ASP B 111 -31.75 36.39 1.51
N LEU B 112 -31.16 35.53 0.68
CA LEU B 112 -29.74 35.18 0.80
C LEU B 112 -28.82 36.39 0.67
N GLN B 113 -29.18 37.35 -0.18
CA GLN B 113 -28.35 38.54 -0.37
C GLN B 113 -28.31 39.36 0.92
N VAL B 114 -29.44 39.46 1.60
CA VAL B 114 -29.49 40.21 2.85
C VAL B 114 -28.67 39.50 3.93
N TYR B 115 -28.76 38.18 4.00
CA TYR B 115 -28.01 37.43 5.00
C TYR B 115 -26.51 37.64 4.82
N ARG B 116 -26.08 37.63 3.56
CA ARG B 116 -24.66 37.82 3.24
C ARG B 116 -24.13 39.16 3.74
N GLU B 117 -24.99 40.17 3.76
CA GLU B 117 -24.61 41.51 4.22
C GLU B 117 -24.12 41.47 5.67
N TYR B 118 -24.83 40.71 6.50
CA TYR B 118 -24.49 40.57 7.91
C TYR B 118 -23.03 40.16 8.14
N PHE B 119 -22.57 39.19 7.36
CA PHE B 119 -21.21 38.66 7.51
C PHE B 119 -20.10 39.52 6.93
N ALA B 120 -20.37 40.19 5.81
CA ALA B 120 -19.36 41.02 5.16
C ALA B 120 -18.89 42.22 5.97
N LYS B 121 -19.67 42.63 6.98
CA LYS B 121 -19.30 43.79 7.78
C LYS B 121 -18.65 43.47 9.12
N LYS B 122 -18.21 42.23 9.30
CA LYS B 122 -17.58 41.81 10.56
C LYS B 122 -16.21 41.17 10.32
N THR B 123 -15.41 41.10 11.37
CA THR B 123 -14.09 40.46 11.28
C THR B 123 -14.25 39.06 11.88
N SER B 124 -13.30 38.18 11.60
CA SER B 124 -13.38 36.83 12.12
C SER B 124 -13.40 36.85 13.65
N GLU B 125 -12.54 37.68 14.25
CA GLU B 125 -12.47 37.79 15.70
C GLU B 125 -13.83 38.19 16.29
N GLU B 126 -14.53 39.09 15.61
CA GLU B 126 -15.84 39.54 16.07
C GLU B 126 -16.89 38.45 15.96
N GLN B 127 -16.86 37.71 14.85
CA GLN B 127 -17.82 36.64 14.64
C GLN B 127 -17.58 35.52 15.65
N VAL B 128 -16.31 35.29 16.01
CA VAL B 128 -16.00 34.26 16.98
C VAL B 128 -16.62 34.62 18.33
N ASP B 129 -16.48 35.89 18.71
CA ASP B 129 -17.05 36.34 19.98
C ASP B 129 -18.57 36.18 19.92
N THR B 130 -19.16 36.58 18.80
CA THR B 130 -20.60 36.48 18.62
C THR B 130 -21.12 35.05 18.72
N VAL B 131 -20.55 34.16 17.92
CA VAL B 131 -20.97 32.77 17.89
C VAL B 131 -20.79 32.02 19.22
N LEU B 132 -19.61 32.12 19.82
CA LEU B 132 -19.38 31.43 21.08
C LEU B 132 -20.34 31.92 22.16
N GLN B 133 -20.72 33.19 22.10
CA GLN B 133 -21.65 33.74 23.08
C GLN B 133 -23.04 33.16 22.82
N LEU B 134 -23.46 33.18 21.55
CA LEU B 134 -24.76 32.64 21.18
C LEU B 134 -24.87 31.15 21.47
N ALA B 135 -23.84 30.39 21.10
CA ALA B 135 -23.83 28.94 21.31
C ALA B 135 -23.45 28.55 22.74
N ASN B 136 -23.07 29.55 23.54
CA ASN B 136 -22.67 29.33 24.92
C ASN B 136 -21.59 28.27 25.01
N VAL B 137 -20.58 28.41 24.15
CA VAL B 137 -19.45 27.49 24.12
C VAL B 137 -18.25 28.21 24.73
N SER B 138 -17.72 27.67 25.82
CA SER B 138 -16.58 28.27 26.50
C SER B 138 -15.24 27.77 25.99
N ASP B 139 -15.20 26.52 25.56
CA ASP B 139 -13.95 25.93 25.07
C ASP B 139 -14.16 25.10 23.81
N VAL B 140 -13.28 25.31 22.85
CA VAL B 140 -13.33 24.59 21.59
C VAL B 140 -12.05 23.80 21.43
N VAL B 141 -12.17 22.53 21.08
CA VAL B 141 -11.00 21.69 20.86
C VAL B 141 -10.84 21.58 19.35
N MET B 142 -9.67 21.99 18.86
CA MET B 142 -9.36 21.97 17.44
C MET B 142 -8.86 20.60 17.03
N THR B 143 -8.70 20.42 15.72
CA THR B 143 -8.13 19.19 15.15
C THR B 143 -6.90 19.75 14.45
N ASN B 144 -5.73 19.47 15.00
CA ASN B 144 -4.50 20.00 14.44
C ASN B 144 -3.61 18.92 13.84
N ASP B 145 -3.51 18.96 12.52
CA ASP B 145 -2.73 17.98 11.76
C ASP B 145 -1.41 18.57 11.28
N PRO B 146 -0.30 18.17 11.90
CA PRO B 146 1.05 18.64 11.56
C PRO B 146 1.53 18.21 10.18
N PHE B 147 0.74 17.39 9.50
CA PHE B 147 1.08 16.91 8.17
C PHE B 147 0.47 17.81 7.09
N ASP B 148 -0.36 18.74 7.52
CA ASP B 148 -0.97 19.68 6.59
C ASP B 148 -0.03 20.89 6.46
N ASP B 149 0.36 21.20 5.23
CA ASP B 149 1.28 22.32 5.01
C ASP B 149 0.75 23.64 5.56
N ASN B 150 -0.53 23.93 5.33
CA ASN B 150 -1.14 25.15 5.81
C ASN B 150 -1.15 25.29 7.33
N GLU B 151 -1.57 24.23 8.02
CA GLU B 151 -1.63 24.28 9.48
C GLU B 151 -0.24 24.30 10.09
N ARG B 152 0.64 23.48 9.55
CA ARG B 152 2.00 23.38 10.06
C ARG B 152 2.71 24.74 10.15
N ILE B 153 2.54 25.56 9.13
CA ILE B 153 3.18 26.88 9.09
C ILE B 153 2.89 27.69 10.34
N SER B 154 1.61 27.80 10.68
CA SER B 154 1.19 28.57 11.86
C SER B 154 1.94 28.14 13.10
N TRP B 155 2.00 26.83 13.35
CA TRP B 155 2.70 26.31 14.52
C TRP B 155 4.20 26.58 14.48
N LEU B 156 4.82 26.36 13.33
CA LEU B 156 6.26 26.59 13.20
C LEU B 156 6.58 28.08 13.40
N GLU B 157 5.67 28.94 12.97
CA GLU B 157 5.87 30.38 13.13
C GLU B 157 5.66 30.85 14.56
N GLY B 158 5.39 29.91 15.46
CA GLY B 158 5.21 30.25 16.85
C GLY B 158 3.84 30.77 17.24
N LYS B 159 2.88 30.73 16.33
CA LYS B 159 1.53 31.20 16.65
C LYS B 159 0.88 30.37 17.74
N GLN B 160 0.43 31.02 18.80
CA GLN B 160 -0.25 30.32 19.88
C GLN B 160 -1.74 30.59 19.69
N PRO B 161 -2.58 29.57 19.90
CA PRO B 161 -4.02 29.75 19.74
C PRO B 161 -4.67 30.56 20.84
N ASP B 162 -5.85 31.09 20.53
CA ASP B 162 -6.67 31.86 21.45
C ASP B 162 -6.88 30.99 22.70
N SER B 163 -7.02 31.61 23.86
CA SER B 163 -7.19 30.85 25.11
C SER B 163 -8.44 29.96 25.13
N ARG B 164 -9.40 30.27 24.27
CA ARG B 164 -10.64 29.50 24.20
C ARG B 164 -10.47 28.27 23.29
N PHE B 165 -9.38 28.22 22.54
CA PHE B 165 -9.10 27.11 21.63
C PHE B 165 -8.00 26.19 22.12
N HIS B 166 -8.26 24.89 22.07
CA HIS B 166 -7.30 23.89 22.50
C HIS B 166 -6.86 23.00 21.36
N ALA B 167 -5.62 22.55 21.42
CA ALA B 167 -5.06 21.70 20.37
C ALA B 167 -5.26 20.22 20.61
N ALA B 168 -5.36 19.48 19.51
CA ALA B 168 -5.50 18.03 19.53
C ALA B 168 -4.62 17.58 18.35
N LEU B 169 -3.66 16.70 18.63
CA LEU B 169 -2.75 16.20 17.62
C LEU B 169 -3.35 15.08 16.76
N ARG B 170 -3.78 15.42 15.55
CA ARG B 170 -4.38 14.45 14.63
C ARG B 170 -3.25 13.71 13.93
N LEU B 171 -3.33 12.38 13.91
CA LEU B 171 -2.27 11.57 13.32
C LEU B 171 -2.59 10.61 12.16
N ASP B 172 -3.71 10.82 11.48
CA ASP B 172 -4.11 9.95 10.38
C ASP B 172 -3.01 9.59 9.36
N PRO B 173 -2.28 10.59 8.83
CA PRO B 173 -1.22 10.33 7.86
C PRO B 173 -0.12 9.41 8.39
N LEU B 174 0.24 9.60 9.65
CA LEU B 174 1.28 8.79 10.28
C LEU B 174 0.88 7.34 10.49
N LEU B 175 -0.32 7.15 11.04
CA LEU B 175 -0.84 5.83 11.34
C LEU B 175 -1.44 5.06 10.17
N ASN B 176 -2.11 5.76 9.26
CA ASN B 176 -2.74 5.09 8.12
C ASN B 176 -2.03 5.21 6.78
N GLU B 177 -0.96 6.00 6.73
CA GLU B 177 -0.24 6.18 5.47
C GLU B 177 1.26 6.24 5.71
N TYR B 178 1.73 5.45 6.66
CA TYR B 178 3.14 5.46 7.01
C TYR B 178 4.08 5.25 5.83
N GLU B 179 3.73 4.34 4.92
CA GLU B 179 4.59 4.08 3.77
C GLU B 179 4.92 5.35 2.99
N GLN B 180 3.97 6.27 2.91
CA GLN B 180 4.21 7.53 2.20
C GLN B 180 4.74 8.59 3.18
N THR B 181 4.13 8.63 4.36
CA THR B 181 4.49 9.60 5.38
C THR B 181 5.93 9.49 5.90
N LYS B 182 6.47 8.28 5.95
CA LYS B 182 7.84 8.07 6.43
C LYS B 182 8.83 8.94 5.68
N HIS B 183 8.64 9.08 4.37
CA HIS B 183 9.52 9.88 3.55
C HIS B 183 9.48 11.34 3.94
N ARG B 184 8.30 11.82 4.36
CA ARG B 184 8.16 13.21 4.76
C ARG B 184 8.85 13.39 6.10
N LEU B 185 8.76 12.38 6.96
CA LEU B 185 9.41 12.44 8.27
C LEU B 185 10.90 12.59 8.07
N ARG B 186 11.46 11.82 7.14
CA ARG B 186 12.89 11.88 6.86
C ARG B 186 13.27 13.28 6.41
N ASP B 187 12.48 13.84 5.50
CA ASP B 187 12.74 15.18 5.00
C ASP B 187 12.69 16.21 6.14
N TRP B 188 11.95 15.89 7.20
CA TRP B 188 11.85 16.80 8.33
C TRP B 188 12.93 16.56 9.37
N GLY B 189 13.77 15.56 9.13
CA GLY B 189 14.83 15.28 10.08
C GLY B 189 14.68 14.06 10.96
N TYR B 190 13.51 13.42 10.92
CA TYR B 190 13.29 12.22 11.73
C TYR B 190 13.79 11.01 10.95
N LYS B 191 14.93 10.50 11.39
CA LYS B 191 15.60 9.38 10.74
C LYS B 191 14.98 8.00 10.89
N VAL B 192 13.79 7.80 10.33
CA VAL B 192 13.16 6.50 10.40
C VAL B 192 13.78 5.64 9.30
N ASN B 193 14.03 4.37 9.63
CA ASN B 193 14.65 3.46 8.66
C ASN B 193 13.60 2.72 7.83
N ASP B 194 14.07 1.94 6.87
CA ASP B 194 13.16 1.18 6.02
C ASP B 194 12.53 0.06 6.85
N GLU B 195 13.30 -0.47 7.78
CA GLU B 195 12.82 -1.54 8.66
C GLU B 195 12.36 -0.94 9.98
N TRP B 196 11.40 -1.59 10.62
CA TRP B 196 10.90 -1.11 11.90
C TRP B 196 11.81 -1.60 13.02
N ASN B 197 12.81 -0.80 13.36
CA ASN B 197 13.77 -1.15 14.40
C ASN B 197 13.82 -0.06 15.46
N GLU B 198 14.71 -0.25 16.44
CA GLU B 198 14.88 0.69 17.53
C GLU B 198 15.01 2.13 17.05
N GLY B 199 15.75 2.32 15.96
CA GLY B 199 15.95 3.65 15.41
C GLY B 199 14.66 4.27 14.92
N SER B 200 13.90 3.53 14.13
CA SER B 200 12.64 4.03 13.60
C SER B 200 11.68 4.33 14.77
N ILE B 201 11.66 3.44 15.75
CA ILE B 201 10.80 3.59 16.92
C ILE B 201 11.09 4.89 17.65
N GLN B 202 12.36 5.12 17.95
CA GLN B 202 12.77 6.33 18.67
C GLN B 202 12.51 7.61 17.91
N GLU B 203 12.70 7.60 16.59
CA GLU B 203 12.46 8.80 15.81
C GLU B 203 10.99 9.14 15.67
N VAL B 204 10.13 8.13 15.66
CA VAL B 204 8.69 8.38 15.58
C VAL B 204 8.26 8.97 16.92
N LYS B 205 8.83 8.46 18.00
CA LYS B 205 8.52 8.97 19.33
C LYS B 205 8.97 10.44 19.42
N ARG B 206 10.15 10.71 18.88
CA ARG B 206 10.71 12.06 18.88
C ARG B 206 9.75 13.01 18.16
N PHE B 207 9.25 12.55 17.02
CA PHE B 207 8.30 13.33 16.23
C PHE B 207 7.05 13.65 17.03
N LEU B 208 6.52 12.65 17.73
CA LEU B 208 5.31 12.84 18.54
C LEU B 208 5.60 13.78 19.69
N THR B 209 6.71 13.54 20.38
CA THR B 209 7.10 14.37 21.52
C THR B 209 7.32 15.82 21.10
N ASP B 210 7.97 16.04 19.96
CA ASP B 210 8.20 17.40 19.50
C ASP B 210 6.88 18.14 19.32
N TRP B 211 5.92 17.48 18.68
CA TRP B 211 4.64 18.13 18.45
C TRP B 211 3.79 18.27 19.71
N ILE B 212 3.96 17.36 20.64
CA ILE B 212 3.24 17.43 21.91
C ILE B 212 3.75 18.69 22.61
N GLU B 213 5.07 18.87 22.58
CA GLU B 213 5.70 20.02 23.22
C GLU B 213 5.27 21.32 22.54
N ARG B 214 5.15 21.29 21.23
CA ARG B 214 4.76 22.47 20.47
C ARG B 214 3.27 22.82 20.57
N MET B 215 2.40 21.80 20.56
CA MET B 215 0.95 22.04 20.61
C MET B 215 0.33 21.96 22.01
N ASP B 216 0.92 21.16 22.89
CA ASP B 216 0.37 20.94 24.22
C ASP B 216 -1.09 20.51 24.01
N PRO B 217 -1.30 19.41 23.27
CA PRO B 217 -2.63 18.87 22.97
C PRO B 217 -3.33 18.22 24.15
N VAL B 218 -4.66 18.27 24.14
CA VAL B 218 -5.44 17.65 25.21
C VAL B 218 -5.51 16.14 24.95
N TYR B 219 -5.24 15.76 23.71
CA TYR B 219 -5.22 14.35 23.32
C TYR B 219 -4.68 14.17 21.89
N MET B 220 -4.28 12.95 21.56
CA MET B 220 -3.80 12.62 20.21
C MET B 220 -4.97 11.86 19.59
N ALA B 221 -5.24 12.08 18.31
CA ALA B 221 -6.37 11.42 17.67
C ALA B 221 -6.11 10.84 16.29
N VAL B 222 -6.99 9.93 15.87
CA VAL B 222 -6.90 9.29 14.56
C VAL B 222 -8.27 8.72 14.21
N SER B 223 -8.64 8.76 12.92
CA SER B 223 -9.89 8.18 12.46
C SER B 223 -9.43 6.84 11.85
N LEU B 224 -10.19 5.78 12.12
CA LEU B 224 -9.83 4.45 11.66
C LEU B 224 -10.93 3.78 10.83
N PRO B 225 -10.54 2.85 9.94
CA PRO B 225 -11.47 2.12 9.08
C PRO B 225 -12.26 1.04 9.82
N PRO B 226 -13.34 0.54 9.21
CA PRO B 226 -14.17 -0.51 9.79
C PRO B 226 -13.35 -1.78 10.04
N THR B 227 -12.30 -1.95 9.26
CA THR B 227 -11.44 -3.12 9.39
C THR B 227 -10.34 -2.97 10.46
N PHE B 228 -10.42 -1.91 11.27
CA PHE B 228 -9.41 -1.69 12.30
C PHE B 228 -9.20 -2.90 13.21
N SER B 229 -7.94 -3.25 13.42
CA SER B 229 -7.60 -4.39 14.25
C SER B 229 -6.35 -4.13 15.10
N PHE B 230 -6.29 -4.78 16.25
CA PHE B 230 -5.15 -4.62 17.14
C PHE B 230 -5.13 -5.71 18.20
N PRO B 231 -3.95 -6.30 18.47
CA PRO B 231 -2.67 -6.01 17.82
C PRO B 231 -2.62 -6.38 16.34
N GLU B 232 -1.62 -5.86 15.63
CA GLU B 232 -1.48 -6.14 14.21
C GLU B 232 -0.06 -5.86 13.73
N GLU B 233 0.51 -6.80 12.97
CA GLU B 233 1.86 -6.62 12.44
C GLU B 233 1.80 -5.78 11.17
N SER B 234 1.46 -4.51 11.33
CA SER B 234 1.36 -3.56 10.23
C SER B 234 2.02 -2.29 10.73
N ASN B 235 2.16 -1.30 9.86
CA ASN B 235 2.76 -0.03 10.28
C ASN B 235 1.91 0.58 11.39
N ARG B 236 0.59 0.63 11.18
CA ARG B 236 -0.31 1.19 12.18
C ARG B 236 -0.21 0.45 13.51
N GLY B 237 -0.29 -0.88 13.45
CA GLY B 237 -0.21 -1.69 14.65
C GLY B 237 1.09 -1.49 15.41
N ARG B 238 2.20 -1.44 14.68
CA ARG B 238 3.50 -1.26 15.31
C ARG B 238 3.69 0.15 15.86
N ILE B 239 3.26 1.16 15.11
CA ILE B 239 3.41 2.54 15.59
C ILE B 239 2.59 2.76 16.86
N ILE B 240 1.35 2.25 16.88
CA ILE B 240 0.48 2.42 18.04
C ILE B 240 1.09 1.73 19.26
N ARG B 241 1.52 0.48 19.06
CA ARG B 241 2.10 -0.31 20.14
C ARG B 241 3.45 0.17 20.65
N ASP B 242 4.37 0.47 19.74
CA ASP B 242 5.72 0.88 20.13
C ASP B 242 5.98 2.37 20.34
N CYS B 243 5.11 3.23 19.81
CA CYS B 243 5.34 4.66 19.93
C CYS B 243 4.22 5.46 20.59
N LEU B 244 3.04 5.41 20.00
CA LEU B 244 1.89 6.16 20.47
C LEU B 244 1.53 5.87 21.94
N LEU B 245 1.22 4.62 22.24
CA LEU B 245 0.84 4.26 23.61
C LEU B 245 1.90 4.61 24.66
N PRO B 246 3.18 4.23 24.45
CA PRO B 246 4.21 4.56 25.45
C PRO B 246 4.32 6.07 25.68
N VAL B 247 4.27 6.84 24.59
CA VAL B 247 4.36 8.30 24.69
C VAL B 247 3.13 8.91 25.36
N ALA B 248 1.95 8.38 25.05
CA ALA B 248 0.70 8.89 25.63
C ALA B 248 0.65 8.63 27.13
N GLU B 249 1.22 7.51 27.56
CA GLU B 249 1.24 7.16 28.97
C GLU B 249 2.18 8.09 29.74
N LYS B 250 3.37 8.31 29.17
CA LYS B 250 4.37 9.16 29.79
C LYS B 250 3.84 10.57 30.06
N HIS B 251 3.19 11.16 29.07
CA HIS B 251 2.66 12.50 29.22
C HIS B 251 1.21 12.47 29.72
N ASN B 252 0.71 11.28 30.02
CA ASN B 252 -0.66 11.10 30.49
C ASN B 252 -1.66 11.78 29.55
N ILE B 253 -1.48 11.54 28.26
CA ILE B 253 -2.37 12.12 27.25
C ILE B 253 -3.29 11.03 26.70
N PRO B 254 -4.60 11.31 26.63
CA PRO B 254 -5.56 10.31 26.12
C PRO B 254 -5.40 10.11 24.61
N PHE B 255 -5.79 8.92 24.16
CA PHE B 255 -5.74 8.55 22.75
C PHE B 255 -7.19 8.47 22.24
N ALA B 256 -7.53 9.32 21.28
CA ALA B 256 -8.88 9.33 20.74
C ALA B 256 -8.94 8.58 19.42
N MET B 257 -9.87 7.63 19.33
CA MET B 257 -10.04 6.82 18.14
C MET B 257 -11.46 6.98 17.61
N MET B 258 -11.59 7.52 16.40
CA MET B 258 -12.88 7.71 15.74
C MET B 258 -12.86 6.57 14.72
N ILE B 259 -13.64 5.52 15.01
CA ILE B 259 -13.67 4.31 14.20
C ILE B 259 -14.87 4.04 13.31
N GLY B 260 -14.59 3.50 12.11
CA GLY B 260 -15.65 3.15 11.18
C GLY B 260 -15.75 3.90 9.86
N VAL B 261 -14.80 4.78 9.57
CA VAL B 261 -14.86 5.53 8.32
C VAL B 261 -14.12 4.86 7.17
N LYS B 262 -14.83 4.68 6.06
CA LYS B 262 -14.25 4.08 4.86
C LYS B 262 -14.00 5.26 3.91
N LYS B 263 -12.74 5.65 3.79
CA LYS B 263 -12.35 6.81 3.00
C LYS B 263 -12.51 6.69 1.49
N ARG B 264 -12.91 7.80 0.88
CA ARG B 264 -13.03 7.95 -0.56
C ARG B 264 -13.76 6.88 -1.38
N VAL B 265 -14.99 6.52 -1.00
CA VAL B 265 -15.72 5.54 -1.81
C VAL B 265 -16.22 6.25 -3.07
N HIS B 266 -16.28 7.58 -3.01
CA HIS B 266 -16.68 8.40 -4.15
C HIS B 266 -15.72 9.59 -4.15
N PRO B 267 -14.48 9.37 -4.65
CA PRO B 267 -13.41 10.37 -4.73
C PRO B 267 -13.82 11.75 -5.26
N ALA B 268 -14.59 11.77 -6.33
CA ALA B 268 -15.01 13.02 -6.95
C ALA B 268 -15.78 13.94 -6.00
N LEU B 269 -16.33 13.39 -4.93
CA LEU B 269 -17.08 14.21 -3.98
C LEU B 269 -16.19 14.90 -2.96
N GLY B 270 -14.90 14.55 -2.96
CA GLY B 270 -13.99 15.15 -2.01
C GLY B 270 -14.35 14.78 -0.58
N ASP B 271 -14.41 15.78 0.30
CA ASP B 271 -14.74 15.53 1.69
C ASP B 271 -16.10 14.84 1.89
N ALA B 272 -16.98 14.94 0.89
CA ALA B 272 -18.29 14.34 0.96
C ALA B 272 -18.29 12.93 0.38
N GLY B 273 -17.10 12.37 0.14
CA GLY B 273 -17.01 11.04 -0.45
C GLY B 273 -16.71 9.88 0.47
N ASP B 274 -16.80 10.07 1.78
CA ASP B 274 -16.52 8.99 2.72
C ASP B 274 -17.75 8.19 3.11
N PHE B 275 -17.55 6.90 3.31
CA PHE B 275 -18.64 5.97 3.66
C PHE B 275 -18.41 5.43 5.07
N VAL B 276 -19.24 4.47 5.49
CA VAL B 276 -19.15 3.91 6.83
C VAL B 276 -19.22 2.38 6.84
N GLY B 277 -18.70 1.77 7.89
CA GLY B 277 -18.73 0.33 8.03
C GLY B 277 -18.69 -0.08 9.49
N LYS B 278 -19.31 -1.20 9.82
CA LYS B 278 -19.31 -1.69 11.18
C LYS B 278 -17.94 -2.29 11.47
N ALA B 279 -17.38 -1.97 12.64
CA ALA B 279 -16.08 -2.50 12.99
C ALA B 279 -16.19 -3.58 14.05
N SER B 280 -15.12 -4.34 14.20
CA SER B 280 -15.06 -5.37 15.22
C SER B 280 -14.63 -4.61 16.49
N MET B 281 -15.10 -5.07 17.65
CA MET B 281 -14.74 -4.42 18.90
C MET B 281 -13.46 -5.04 19.50
N ASP B 282 -12.98 -6.12 18.90
CA ASP B 282 -11.80 -6.81 19.39
C ASP B 282 -10.58 -5.94 19.64
N GLY B 283 -10.24 -5.09 18.68
CA GLY B 283 -9.08 -4.22 18.85
C GLY B 283 -9.21 -3.25 20.00
N VAL B 284 -10.38 -2.62 20.14
CA VAL B 284 -10.63 -1.68 21.21
C VAL B 284 -10.61 -2.39 22.57
N GLU B 285 -11.22 -3.57 22.61
CA GLU B 285 -11.27 -4.38 23.82
C GLU B 285 -9.85 -4.72 24.29
N HIS B 286 -9.02 -5.13 23.35
CA HIS B 286 -7.64 -5.50 23.67
C HIS B 286 -6.87 -4.28 24.19
N LEU B 287 -7.02 -3.15 23.52
CA LEU B 287 -6.32 -1.93 23.92
C LEU B 287 -6.69 -1.50 25.34
N LEU B 288 -7.98 -1.52 25.64
CA LEU B 288 -8.48 -1.12 26.95
C LEU B 288 -7.97 -2.02 28.08
N ARG B 289 -8.02 -3.33 27.85
CA ARG B 289 -7.58 -4.30 28.84
C ARG B 289 -6.07 -4.41 29.00
N GLU B 290 -5.33 -4.42 27.89
CA GLU B 290 -3.89 -4.57 27.96
C GLU B 290 -3.10 -3.30 28.26
N TYR B 291 -3.73 -2.14 28.15
CA TYR B 291 -3.06 -0.87 28.44
C TYR B 291 -3.88 -0.08 29.46
N PRO B 292 -4.02 -0.62 30.69
CA PRO B 292 -4.77 0.00 31.78
C PRO B 292 -4.26 1.37 32.22
N ASN B 293 -3.01 1.68 31.90
CA ASN B 293 -2.45 2.97 32.27
C ASN B 293 -2.63 4.00 31.19
N ASN B 294 -3.30 3.61 30.11
CA ASN B 294 -3.57 4.53 29.01
C ASN B 294 -5.05 4.88 29.05
N LYS B 295 -5.37 6.07 28.58
CA LYS B 295 -6.76 6.53 28.54
C LYS B 295 -7.19 6.59 27.08
N PHE B 296 -8.43 6.19 26.83
CA PHE B 296 -8.95 6.15 25.47
C PHE B 296 -10.30 6.85 25.32
N LEU B 297 -10.38 7.73 24.33
CA LEU B 297 -11.60 8.44 24.00
C LEU B 297 -12.06 7.75 22.73
N VAL B 298 -13.31 7.29 22.70
CA VAL B 298 -13.80 6.60 21.51
C VAL B 298 -15.19 6.99 21.06
N THR B 299 -15.35 7.06 19.74
CA THR B 299 -16.64 7.33 19.11
C THR B 299 -16.63 6.48 17.84
N MET B 300 -17.76 5.89 17.51
CA MET B 300 -17.83 5.05 16.32
C MET B 300 -18.87 5.53 15.33
N LEU B 301 -18.59 5.28 14.05
CA LEU B 301 -19.45 5.73 12.97
C LEU B 301 -20.67 4.86 12.63
N SER B 302 -20.55 3.56 12.86
CA SER B 302 -21.67 2.66 12.54
C SER B 302 -22.76 2.61 13.60
N ARG B 303 -24.01 2.70 13.15
CA ARG B 303 -25.14 2.63 14.07
C ARG B 303 -25.14 1.27 14.80
N GLU B 304 -24.65 0.24 14.11
CA GLU B 304 -24.60 -1.12 14.65
C GLU B 304 -23.48 -1.39 15.68
N ASN B 305 -22.63 -0.40 15.91
CA ASN B 305 -21.55 -0.52 16.88
C ASN B 305 -21.90 0.20 18.18
N GLN B 306 -22.93 1.05 18.13
CA GLN B 306 -23.29 1.87 19.29
C GLN B 306 -23.58 1.17 20.60
N HIS B 307 -24.51 0.21 20.57
CA HIS B 307 -24.83 -0.50 21.80
C HIS B 307 -23.65 -1.28 22.38
N GLU B 308 -22.90 -2.02 21.56
CA GLU B 308 -21.77 -2.77 22.13
C GLU B 308 -20.68 -1.84 22.67
N LEU B 309 -20.59 -0.64 22.10
CA LEU B 309 -19.59 0.32 22.58
C LEU B 309 -19.99 0.76 24.00
N VAL B 310 -21.29 0.96 24.22
CA VAL B 310 -21.76 1.35 25.54
C VAL B 310 -21.44 0.23 26.52
N VAL B 311 -21.65 -1.02 26.11
CA VAL B 311 -21.38 -2.13 27.01
C VAL B 311 -19.88 -2.23 27.34
N LEU B 312 -19.03 -1.92 26.36
CA LEU B 312 -17.59 -1.99 26.60
C LEU B 312 -17.18 -0.91 27.60
N ALA B 313 -17.89 0.21 27.60
CA ALA B 313 -17.59 1.29 28.55
C ALA B 313 -17.93 0.85 29.97
N ARG B 314 -18.87 -0.08 30.11
CA ARG B 314 -19.26 -0.60 31.41
C ARG B 314 -18.14 -1.49 31.94
N LYS B 315 -17.37 -2.05 31.01
CA LYS B 315 -16.27 -2.95 31.38
C LYS B 315 -14.98 -2.22 31.76
N PHE B 316 -14.64 -1.15 31.04
CA PHE B 316 -13.38 -0.47 31.29
C PHE B 316 -13.49 1.02 31.58
N SER B 317 -12.96 1.40 32.75
CA SER B 317 -12.98 2.79 33.18
C SER B 317 -11.97 3.65 32.44
N ASN B 318 -11.03 3.04 31.71
CA ASN B 318 -10.08 3.84 30.96
C ASN B 318 -10.64 4.21 29.58
N LEU B 319 -11.93 3.93 29.40
CA LEU B 319 -12.64 4.25 28.17
C LEU B 319 -13.69 5.33 28.42
N MET B 320 -13.63 6.39 27.64
CA MET B 320 -14.62 7.46 27.76
C MET B 320 -15.22 7.58 26.35
N ILE B 321 -16.49 7.25 26.22
CA ILE B 321 -17.10 7.37 24.91
C ILE B 321 -17.67 8.77 24.76
N PHE B 322 -17.65 9.28 23.53
CA PHE B 322 -18.15 10.62 23.28
C PHE B 322 -18.89 10.79 21.97
N GLY B 323 -19.80 11.77 21.98
CA GLY B 323 -20.59 12.15 20.83
C GLY B 323 -21.34 11.19 19.95
N CYS B 324 -22.06 11.80 19.00
CA CYS B 324 -22.85 11.11 17.99
C CYS B 324 -22.20 11.66 16.73
N TRP B 325 -21.20 10.93 16.29
CA TRP B 325 -20.36 11.30 15.16
C TRP B 325 -20.85 11.18 13.72
N TRP B 326 -20.74 12.29 13.00
CA TRP B 326 -21.02 12.36 11.58
C TRP B 326 -22.40 11.83 11.15
N PHE B 327 -22.41 10.62 10.58
CA PHE B 327 -23.65 10.00 10.12
C PHE B 327 -24.57 9.61 11.29
N MET B 328 -24.04 9.66 12.50
CA MET B 328 -24.82 9.35 13.72
C MET B 328 -25.45 10.65 14.24
N ASN B 329 -24.95 11.80 13.77
CA ASN B 329 -25.43 13.09 14.25
C ASN B 329 -26.76 13.56 13.65
N ASN B 330 -27.79 12.76 13.86
CA ASN B 330 -29.14 13.03 13.38
C ASN B 330 -30.07 12.74 14.55
N PRO B 331 -31.10 13.58 14.76
CA PRO B 331 -32.07 13.42 15.85
C PRO B 331 -32.48 12.00 16.22
N GLU B 332 -32.97 11.24 15.24
CA GLU B 332 -33.41 9.87 15.49
C GLU B 332 -32.30 9.05 16.15
N ILE B 333 -31.06 9.18 15.65
CA ILE B 333 -29.94 8.43 16.20
C ILE B 333 -29.42 9.01 17.51
N ILE B 334 -29.32 10.33 17.57
CA ILE B 334 -28.84 10.98 18.79
C ILE B 334 -29.73 10.59 19.96
N ASN B 335 -31.03 10.59 19.72
CA ASN B 335 -31.98 10.25 20.76
C ASN B 335 -31.79 8.82 21.26
N GLU B 336 -31.74 7.85 20.34
CA GLU B 336 -31.57 6.45 20.75
C GLU B 336 -30.22 6.22 21.44
N MET B 337 -29.15 6.78 20.89
CA MET B 337 -27.81 6.63 21.47
C MET B 337 -27.72 7.22 22.87
N THR B 338 -28.19 8.45 23.04
CA THR B 338 -28.13 9.12 24.34
C THR B 338 -28.93 8.40 25.41
N ARG B 339 -30.07 7.81 25.03
CA ARG B 339 -30.89 7.08 25.99
C ARG B 339 -30.22 5.75 26.37
N MET B 340 -29.68 5.05 25.39
CA MET B 340 -29.00 3.78 25.69
C MET B 340 -27.81 4.06 26.62
N ARG B 341 -27.08 5.14 26.33
CA ARG B 341 -25.92 5.49 27.13
C ARG B 341 -26.25 5.88 28.59
N MET B 342 -27.23 6.74 28.78
CA MET B 342 -27.58 7.14 30.15
C MET B 342 -28.11 5.93 30.92
N GLU B 343 -28.88 5.09 30.24
CA GLU B 343 -29.45 3.90 30.86
C GLU B 343 -28.40 2.91 31.40
N MET B 344 -27.30 2.74 30.67
CA MET B 344 -26.24 1.82 31.10
C MET B 344 -25.03 2.49 31.75
N LEU B 345 -24.88 3.80 31.60
CA LEU B 345 -23.73 4.50 32.16
C LEU B 345 -24.07 5.68 33.06
N GLY B 346 -25.34 6.01 33.21
CA GLY B 346 -25.71 7.13 34.06
C GLY B 346 -25.18 8.39 33.42
N THR B 347 -24.32 9.12 34.13
CA THR B 347 -23.75 10.35 33.58
C THR B 347 -22.25 10.22 33.26
N SER B 348 -21.73 9.01 33.23
CA SER B 348 -20.30 8.83 32.95
C SER B 348 -19.92 8.73 31.48
N PHE B 349 -20.32 9.72 30.68
CA PHE B 349 -19.99 9.75 29.26
C PHE B 349 -20.15 11.17 28.75
N ILE B 350 -19.62 11.43 27.55
CA ILE B 350 -19.70 12.75 26.93
C ILE B 350 -20.70 12.60 25.79
N PRO B 351 -21.94 13.05 26.00
CA PRO B 351 -23.00 12.94 24.99
C PRO B 351 -22.77 13.52 23.60
N GLN B 352 -22.08 14.64 23.49
CA GLN B 352 -21.92 15.23 22.17
C GLN B 352 -20.72 16.13 21.95
N HIS B 353 -20.42 16.35 20.68
CA HIS B 353 -19.37 17.24 20.22
C HIS B 353 -19.96 17.74 18.89
N SER B 354 -19.53 18.90 18.42
CA SER B 354 -20.11 19.45 17.19
C SER B 354 -19.46 19.01 15.89
N ASP B 355 -18.14 18.85 15.90
CA ASP B 355 -17.41 18.47 14.70
C ASP B 355 -17.55 19.60 13.68
N ALA B 356 -17.81 20.81 14.19
CA ALA B 356 -18.00 21.97 13.33
C ALA B 356 -16.80 22.27 12.41
N ARG B 357 -17.12 22.50 11.13
CA ARG B 357 -16.13 22.84 10.12
C ARG B 357 -16.25 24.33 9.80
N VAL B 358 -17.43 24.86 10.06
CA VAL B 358 -17.71 26.27 9.84
C VAL B 358 -18.18 26.86 11.18
N LEU B 359 -17.53 27.95 11.57
CA LEU B 359 -17.81 28.64 12.84
C LEU B 359 -19.26 28.67 13.30
N GLU B 360 -20.16 29.21 12.46
CA GLU B 360 -21.57 29.32 12.83
C GLU B 360 -22.29 28.02 13.17
N GLN B 361 -21.76 26.89 12.72
CA GLN B 361 -22.41 25.60 12.99
C GLN B 361 -22.53 25.32 14.48
N LEU B 362 -21.66 25.92 15.29
CA LEU B 362 -21.72 25.74 16.73
C LEU B 362 -23.11 26.07 17.26
N ILE B 363 -23.77 27.01 16.59
CA ILE B 363 -25.10 27.42 17.00
C ILE B 363 -26.11 26.28 16.84
N TYR B 364 -26.28 25.79 15.62
CA TYR B 364 -27.25 24.71 15.41
C TYR B 364 -26.82 23.37 15.99
N LYS B 365 -25.54 23.01 15.86
CA LYS B 365 -25.09 21.74 16.40
C LYS B 365 -25.45 21.63 17.88
N TRP B 366 -25.15 22.66 18.66
CA TRP B 366 -25.44 22.61 20.08
C TRP B 366 -26.90 22.86 20.42
N HIS B 367 -27.59 23.67 19.61
CA HIS B 367 -29.00 23.94 19.87
C HIS B 367 -29.80 22.65 19.64
N HIS B 368 -29.57 22.01 18.51
CA HIS B 368 -30.29 20.77 18.17
C HIS B 368 -29.99 19.64 19.17
N SER B 369 -28.73 19.49 19.53
CA SER B 369 -28.34 18.44 20.47
C SER B 369 -28.80 18.71 21.90
N LYS B 370 -28.69 19.95 22.35
CA LYS B 370 -29.11 20.28 23.71
C LYS B 370 -30.59 20.00 23.94
N SER B 371 -31.43 20.30 22.95
CA SER B 371 -32.87 20.06 23.13
C SER B 371 -33.18 18.56 23.26
N ILE B 372 -32.41 17.72 22.57
CA ILE B 372 -32.62 16.28 22.65
C ILE B 372 -32.11 15.76 23.99
N ILE B 373 -30.90 16.20 24.38
CA ILE B 373 -30.32 15.76 25.64
C ILE B 373 -31.20 16.22 26.81
N ALA B 374 -31.77 17.41 26.71
CA ALA B 374 -32.65 17.93 27.76
C ALA B 374 -33.85 17.01 27.93
N GLU B 375 -34.46 16.59 26.82
CA GLU B 375 -35.62 15.71 26.89
C GLU B 375 -35.27 14.36 27.52
N VAL B 376 -34.07 13.85 27.22
CA VAL B 376 -33.65 12.58 27.80
C VAL B 376 -33.48 12.74 29.30
N LEU B 377 -32.83 13.83 29.72
CA LEU B 377 -32.60 14.09 31.13
C LEU B 377 -33.92 14.23 31.87
N ILE B 378 -34.88 14.93 31.27
CA ILE B 378 -36.19 15.10 31.87
C ILE B 378 -36.86 13.75 32.10
N ASP B 379 -36.79 12.85 31.12
CA ASP B 379 -37.39 11.54 31.30
C ASP B 379 -36.71 10.76 32.42
N LYS B 380 -35.38 10.78 32.43
CA LYS B 380 -34.64 10.05 33.46
C LYS B 380 -34.82 10.61 34.87
N TYR B 381 -34.88 11.93 34.99
CA TYR B 381 -35.09 12.52 36.31
C TYR B 381 -36.51 12.23 36.78
N ASP B 382 -37.46 12.30 35.86
CA ASP B 382 -38.86 12.04 36.19
C ASP B 382 -39.05 10.60 36.66
N ASP B 383 -38.32 9.66 36.07
CA ASP B 383 -38.45 8.26 36.47
C ASP B 383 -38.04 8.06 37.93
N ILE B 384 -36.96 8.71 38.36
CA ILE B 384 -36.52 8.54 39.74
C ILE B 384 -37.35 9.41 40.68
N LEU B 385 -37.94 10.48 40.13
CA LEU B 385 -38.80 11.34 40.94
C LEU B 385 -40.03 10.52 41.29
N GLN B 386 -40.52 9.75 40.31
CA GLN B 386 -41.69 8.91 40.53
C GLN B 386 -41.34 7.78 41.50
N ALA B 387 -40.06 7.49 41.64
CA ALA B 387 -39.60 6.44 42.55
C ALA B 387 -39.47 7.00 43.97
N GLY B 388 -39.75 8.29 44.13
CA GLY B 388 -39.67 8.91 45.45
C GLY B 388 -38.43 9.73 45.71
N TRP B 389 -37.49 9.71 44.76
CA TRP B 389 -36.24 10.47 44.90
C TRP B 389 -36.50 11.95 44.68
N GLU B 390 -35.74 12.80 45.35
CA GLU B 390 -35.88 14.24 45.18
C GLU B 390 -34.59 14.81 44.62
N VAL B 391 -34.68 15.43 43.45
CA VAL B 391 -33.50 16.01 42.84
C VAL B 391 -33.52 17.52 43.03
N THR B 392 -32.39 18.08 43.47
CA THR B 392 -32.29 19.51 43.69
C THR B 392 -31.81 20.18 42.41
N GLU B 393 -32.09 21.47 42.27
CA GLU B 393 -31.67 22.19 41.08
C GLU B 393 -30.14 22.20 40.97
N GLU B 394 -29.46 22.24 42.11
CA GLU B 394 -28.01 22.24 42.11
C GLU B 394 -27.45 20.89 41.63
N GLU B 395 -28.15 19.81 41.95
CA GLU B 395 -27.71 18.48 41.51
C GLU B 395 -27.90 18.38 40.00
N ILE B 396 -28.94 19.02 39.49
CA ILE B 396 -29.21 19.04 38.06
C ILE B 396 -28.09 19.79 37.34
N LYS B 397 -27.77 20.98 37.87
CA LYS B 397 -26.72 21.79 37.28
C LYS B 397 -25.40 21.04 37.31
N ARG B 398 -25.19 20.30 38.39
CA ARG B 398 -23.98 19.51 38.56
C ARG B 398 -23.90 18.42 37.49
N ASP B 399 -25.00 17.68 37.32
CA ASP B 399 -25.05 16.60 36.34
C ASP B 399 -24.84 17.14 34.93
N VAL B 400 -25.50 18.26 34.64
CA VAL B 400 -25.39 18.90 33.34
C VAL B 400 -23.97 19.37 33.07
N ALA B 401 -23.29 19.85 34.11
CA ALA B 401 -21.92 20.31 33.98
C ALA B 401 -20.99 19.15 33.65
N ASP B 402 -21.26 17.99 34.23
CA ASP B 402 -20.44 16.81 33.97
C ASP B 402 -20.57 16.39 32.50
N LEU B 403 -21.80 16.34 32.02
CA LEU B 403 -22.09 15.93 30.64
C LEU B 403 -21.51 16.85 29.58
N PHE B 404 -21.70 18.15 29.75
CA PHE B 404 -21.24 19.12 28.77
C PHE B 404 -19.83 19.68 28.93
N SER B 405 -19.15 19.37 30.03
CA SER B 405 -17.82 19.94 30.21
C SER B 405 -16.84 19.23 31.16
N ARG B 406 -17.28 18.98 32.39
CA ARG B 406 -16.40 18.37 33.39
C ARG B 406 -15.90 16.96 33.14
N ASN B 407 -16.75 16.09 32.58
CA ASN B 407 -16.31 14.73 32.32
C ASN B 407 -15.09 14.73 31.41
N PHE B 408 -15.11 15.61 30.40
CA PHE B 408 -14.00 15.70 29.46
C PHE B 408 -12.72 16.18 30.13
N TRP B 409 -12.79 17.34 30.79
CA TRP B 409 -11.62 17.90 31.46
C TRP B 409 -11.09 16.97 32.54
N ARG B 410 -11.99 16.25 33.19
CA ARG B 410 -11.58 15.33 34.22
C ARG B 410 -10.85 14.14 33.59
N PHE B 411 -11.35 13.68 32.45
CA PHE B 411 -10.73 12.54 31.78
C PHE B 411 -9.35 12.85 31.21
N VAL B 412 -9.21 13.99 30.56
CA VAL B 412 -7.92 14.38 29.98
C VAL B 412 -6.95 14.76 31.11
N GLY B 413 -7.50 15.04 32.28
CA GLY B 413 -6.68 15.39 33.44
C GLY B 413 -6.06 16.77 33.38
#